data_3PW1
#
_entry.id   3PW1
#
_cell.length_a   77.617
_cell.length_b   77.617
_cell.length_c   300.364
_cell.angle_alpha   90.000
_cell.angle_beta   90.000
_cell.angle_gamma   90.000
#
_symmetry.space_group_name_H-M   'P 41 21 2'
#
loop_
_entity.id
_entity.type
_entity.pdbx_description
1 polymer 'Phenylacetic acid degradation protein paaA'
2 polymer 'Phenylacetic acid degradation protein paaC'
3 non-polymer 'Phenylacetyl coenzyme A'
4 non-polymer GLYCEROL
5 water water
#
loop_
_entity_poly.entity_id
_entity_poly.type
_entity_poly.pdbx_seq_one_letter_code
_entity_poly.pdbx_strand_id
1 'polypeptide(L)'
;MRSTQEERFEQRIAQETAIEPQDWMPDAYRKTLIRQIGQHAHSEIVGMLPEGNWITRAPTLRRKAILLAKVQDEAGHGLY
LYSAAETLGCAREDIYQKMLDGRMKYSSIFNYPTLSWADIGVIGWLVDGAAIVNQVALCRTSYGPYARAMVKICKEESFH
QRQGFEACMALAQGSEAQKQMLQDAINRFWWPALMMFGPNDDNSPNSARSLTWKIKRFTNDELRQRFVDNTVPQVEMLGM
TVPDPDLHFDTESGHYRFGEIDWQEFNEVINGRGICNQERLDAKRKAWEEGTWVREAALAHAQKQHARKVA
;
A
2 'polypeptide(L)'
;MGSSHHHHHHGSNQLTAYTLRLGDNCLVLSQRLGEWCGHAPELEIDLALANIGLDLLGQARNFLSYAAELAGEGDEDTLA
FTRDERQFSNLLLVEQPNGNFADTIARQYFIDAWHVALFTRLMESRDPQLAAISAKAIKEARYHLRFSRGWLERLGNGTD
VSGQKMQQAINKLWRFTAELFDADEIDIALSEEGIAVDPRTLRAAWEAEVFAGINEATLNVPQEQAYRTGGKKGLHTEHL
GPMLAEMQYLQRVLPGQQW
;
B,C
#
loop_
_chem_comp.id
_chem_comp.type
_chem_comp.name
_chem_comp.formula
FAQ non-polymer 'Phenylacetyl coenzyme A' 'C29 H42 N7 O17 P3 S'
GOL non-polymer GLYCEROL 'C3 H8 O3'
#
# COMPACT_ATOMS: atom_id res chain seq x y z
N MET A 1 -11.08 -47.25 -17.28
CA MET A 1 -12.05 -46.16 -17.56
C MET A 1 -12.13 -45.17 -16.40
N ARG A 2 -12.04 -43.88 -16.72
CA ARG A 2 -12.46 -42.84 -15.78
C ARG A 2 -13.94 -43.03 -15.46
N SER A 3 -14.34 -42.70 -14.24
CA SER A 3 -15.76 -42.66 -13.90
C SER A 3 -16.40 -41.45 -14.59
N THR A 4 -17.72 -41.43 -14.64
CA THR A 4 -18.47 -40.32 -15.25
C THR A 4 -18.18 -38.99 -14.55
N GLN A 5 -18.08 -39.03 -13.22
CA GLN A 5 -17.67 -37.89 -12.43
C GLN A 5 -16.27 -37.37 -12.82
N GLU A 6 -15.33 -38.30 -12.98
CA GLU A 6 -13.94 -38.00 -13.35
C GLU A 6 -13.89 -37.39 -14.76
N GLU A 7 -14.68 -37.95 -15.68
CA GLU A 7 -14.67 -37.52 -17.07
C GLU A 7 -15.25 -36.11 -17.24
N ARG A 8 -16.37 -35.84 -16.56
CA ARG A 8 -17.00 -34.53 -16.56
C ARG A 8 -16.04 -33.46 -16.04
N PHE A 9 -15.35 -33.79 -14.96
CA PHE A 9 -14.35 -32.88 -14.44
C PHE A 9 -13.25 -32.56 -15.48
N GLU A 10 -12.67 -33.60 -16.08
CA GLU A 10 -11.63 -33.40 -17.10
C GLU A 10 -12.15 -32.51 -18.23
N GLN A 11 -13.40 -32.71 -18.62
CA GLN A 11 -14.00 -31.89 -19.67
C GLN A 11 -14.23 -30.45 -19.23
N ARG A 12 -14.61 -30.24 -17.96
CA ARG A 12 -14.82 -28.89 -17.44
C ARG A 12 -13.50 -28.13 -17.42
N ILE A 13 -12.43 -28.83 -17.05
CA ILE A 13 -11.10 -28.24 -17.01
C ILE A 13 -10.65 -27.83 -18.42
N ALA A 14 -10.84 -28.72 -19.39
CA ALA A 14 -10.48 -28.44 -20.78
C ALA A 14 -11.18 -27.21 -21.34
N GLN A 15 -12.45 -26.99 -20.98
CA GLN A 15 -13.23 -25.88 -21.52
C GLN A 15 -13.03 -24.57 -20.73
N GLU A 16 -12.16 -24.63 -19.72
CA GLU A 16 -11.84 -23.48 -18.85
C GLU A 16 -13.02 -22.97 -18.00
N THR A 17 -13.95 -23.87 -17.67
CA THR A 17 -15.05 -23.53 -16.76
C THR A 17 -14.51 -23.55 -15.35
N ALA A 18 -14.61 -22.43 -14.64
CA ALA A 18 -14.14 -22.35 -13.25
C ALA A 18 -14.80 -23.42 -12.37
N ILE A 19 -13.99 -24.11 -11.58
CA ILE A 19 -14.49 -25.07 -10.58
C ILE A 19 -14.89 -24.29 -9.33
N GLU A 20 -16.08 -24.59 -8.83
CA GLU A 20 -16.66 -23.89 -7.68
C GLU A 20 -16.81 -24.85 -6.50
N PRO A 21 -16.98 -24.32 -5.25
CA PRO A 21 -16.89 -25.17 -4.04
C PRO A 21 -17.84 -26.37 -4.01
N GLN A 22 -18.99 -26.26 -4.68
CA GLN A 22 -20.04 -27.27 -4.66
C GLN A 22 -19.92 -28.27 -5.82
N ASP A 23 -18.98 -28.02 -6.74
CA ASP A 23 -18.73 -28.95 -7.84
C ASP A 23 -17.95 -30.17 -7.37
N TRP A 24 -18.21 -31.31 -8.00
CA TRP A 24 -17.37 -32.48 -7.77
C TRP A 24 -15.94 -32.17 -8.21
N MET A 25 -14.98 -32.69 -7.47
CA MET A 25 -13.57 -32.57 -7.85
C MET A 25 -12.85 -33.83 -7.39
N PRO A 26 -11.80 -34.25 -8.14
CA PRO A 26 -10.98 -35.35 -7.67
C PRO A 26 -10.42 -35.03 -6.30
N ASP A 27 -10.43 -36.04 -5.43
CA ASP A 27 -9.94 -35.84 -4.08
C ASP A 27 -8.49 -35.33 -4.05
N ALA A 28 -7.70 -35.73 -5.03
CA ALA A 28 -6.30 -35.29 -5.13
C ALA A 28 -6.20 -33.80 -5.54
N TYR A 29 -7.20 -33.33 -6.28
CA TYR A 29 -7.33 -31.93 -6.72
C TYR A 29 -7.74 -31.03 -5.55
N ARG A 30 -8.77 -31.46 -4.80
CA ARG A 30 -9.16 -30.81 -3.54
C ARG A 30 -7.96 -30.64 -2.59
N LYS A 31 -7.24 -31.73 -2.38
CA LYS A 31 -6.12 -31.77 -1.44
C LYS A 31 -4.89 -30.99 -1.87
N THR A 32 -4.61 -30.96 -3.16
CA THR A 32 -3.47 -30.18 -3.59
C THR A 32 -3.77 -28.68 -3.53
N LEU A 33 -5.04 -28.32 -3.64
CA LEU A 33 -5.43 -26.92 -3.48
C LEU A 33 -5.45 -26.48 -2.01
N ILE A 34 -5.83 -27.38 -1.11
CA ILE A 34 -5.74 -27.10 0.33
C ILE A 34 -4.28 -26.93 0.67
N ARG A 35 -3.44 -27.85 0.19
CA ARG A 35 -2.00 -27.73 0.31
C ARG A 35 -1.54 -26.35 -0.20
N GLN A 36 -1.80 -26.06 -1.48
CA GLN A 36 -1.25 -24.84 -2.10
C GLN A 36 -1.86 -23.52 -1.62
N ILE A 37 -3.19 -23.42 -1.56
CA ILE A 37 -3.83 -22.18 -1.09
C ILE A 37 -3.46 -21.94 0.39
N GLY A 38 -3.45 -23.02 1.17
CA GLY A 38 -3.11 -22.96 2.59
C GLY A 38 -1.69 -22.49 2.83
N GLN A 39 -0.74 -23.00 2.05
CA GLN A 39 0.65 -22.59 2.18
C GLN A 39 0.85 -21.18 1.62
N HIS A 40 0.02 -20.81 0.65
CA HIS A 40 0.01 -19.44 0.13
C HIS A 40 -0.44 -18.48 1.25
N ALA A 41 -1.52 -18.86 1.94
CA ALA A 41 -2.03 -18.10 3.09
C ALA A 41 -1.03 -18.02 4.23
N HIS A 42 -0.41 -19.16 4.56
CA HIS A 42 0.64 -19.20 5.58
C HIS A 42 1.76 -18.19 5.25
N SER A 43 2.08 -18.09 3.96
CA SER A 43 3.19 -17.24 3.52
C SER A 43 2.91 -15.76 3.79
N GLU A 44 1.65 -15.34 3.62
CA GLU A 44 1.28 -13.96 3.91
C GLU A 44 1.49 -13.64 5.39
N ILE A 45 1.26 -14.62 6.24
CA ILE A 45 1.36 -14.42 7.68
C ILE A 45 2.82 -14.38 8.11
N VAL A 46 3.58 -15.41 7.73
CA VAL A 46 5.00 -15.42 8.07
C VAL A 46 5.73 -14.25 7.39
N GLY A 47 5.28 -13.89 6.20
CA GLY A 47 5.85 -12.77 5.44
C GLY A 47 5.75 -11.41 6.11
N MET A 48 4.91 -11.30 7.12
CA MET A 48 4.85 -10.06 7.87
C MET A 48 6.10 -9.83 8.72
N LEU A 49 6.80 -10.90 9.05
CA LEU A 49 7.87 -10.83 10.06
C LEU A 49 9.18 -10.22 9.57
N PRO A 50 9.67 -10.60 8.38
CA PRO A 50 10.95 -10.02 7.96
C PRO A 50 10.84 -8.51 7.76
N GLU A 51 9.78 -8.07 7.10
CA GLU A 51 9.54 -6.62 6.89
C GLU A 51 9.15 -5.90 8.17
N GLY A 52 8.38 -6.59 9.00
CA GLY A 52 7.89 -6.00 10.25
C GLY A 52 9.03 -5.76 11.20
N ASN A 53 10.11 -6.52 11.01
CA ASN A 53 11.34 -6.38 11.77
C ASN A 53 11.86 -4.92 11.69
N TRP A 54 11.52 -4.21 10.60
CA TRP A 54 12.00 -2.85 10.36
C TRP A 54 11.01 -1.71 10.55
N ILE A 55 9.80 -2.03 10.95
CA ILE A 55 8.77 -1.01 11.14
C ILE A 55 9.20 0.06 12.14
N THR A 56 9.67 -0.36 13.32
CA THR A 56 10.13 0.59 14.34
C THR A 56 11.42 1.33 13.97
N ARG A 57 12.14 0.87 12.95
CA ARG A 57 13.43 1.49 12.60
C ARG A 57 13.44 2.26 11.27
N ALA A 58 12.32 2.28 10.57
CA ALA A 58 12.25 2.87 9.22
C ALA A 58 12.69 4.34 9.28
N PRO A 59 13.54 4.77 8.33
CA PRO A 59 14.28 6.03 8.36
C PRO A 59 13.46 7.31 8.18
N THR A 60 12.30 7.24 7.56
CA THR A 60 11.43 8.41 7.51
C THR A 60 10.03 8.02 7.89
N LEU A 61 9.23 9.00 8.28
CA LEU A 61 7.82 8.73 8.59
C LEU A 61 7.02 8.23 7.36
N ARG A 62 7.34 8.77 6.18
CA ARG A 62 6.69 8.35 4.94
C ARG A 62 6.94 6.87 4.65
N ARG A 63 8.19 6.45 4.71
CA ARG A 63 8.51 5.05 4.47
C ARG A 63 7.98 4.15 5.57
N LYS A 64 7.90 4.67 6.80
CA LYS A 64 7.32 3.92 7.90
C LYS A 64 5.82 3.71 7.67
N ALA A 65 5.13 4.76 7.21
CA ALA A 65 3.70 4.67 6.92
C ALA A 65 3.41 3.68 5.78
N ILE A 66 4.23 3.69 4.75
CA ILE A 66 4.06 2.77 3.61
C ILE A 66 4.24 1.33 4.09
N LEU A 67 5.29 1.07 4.86
CA LEU A 67 5.58 -0.28 5.36
C LEU A 67 4.47 -0.82 6.25
N LEU A 68 3.89 0.04 7.09
CA LEU A 68 2.80 -0.32 7.96
C LEU A 68 1.57 -0.72 7.15
N ALA A 69 1.22 0.10 6.17
CA ALA A 69 0.14 -0.22 5.22
C ALA A 69 0.38 -1.56 4.55
N LYS A 70 1.60 -1.78 4.09
CA LYS A 70 1.95 -3.01 3.39
C LYS A 70 1.82 -4.26 4.29
N VAL A 71 2.26 -4.15 5.53
CA VAL A 71 2.18 -5.27 6.41
C VAL A 71 0.69 -5.56 6.74
N GLN A 72 -0.10 -4.49 6.78
CA GLN A 72 -1.51 -4.62 7.02
C GLN A 72 -2.19 -5.32 5.82
N ASP A 73 -1.76 -4.97 4.61
CA ASP A 73 -2.34 -5.53 3.40
C ASP A 73 -2.08 -7.04 3.35
N GLU A 74 -0.85 -7.43 3.70
CA GLU A 74 -0.44 -8.85 3.80
C GLU A 74 -1.32 -9.68 4.71
N ALA A 75 -1.65 -9.11 5.86
CA ALA A 75 -2.54 -9.74 6.80
C ALA A 75 -3.89 -9.97 6.14
N GLY A 76 -4.38 -8.94 5.47
CA GLY A 76 -5.64 -8.99 4.73
C GLY A 76 -5.58 -10.04 3.65
N HIS A 77 -4.45 -10.12 2.94
CA HIS A 77 -4.28 -11.15 1.94
C HIS A 77 -4.31 -12.56 2.50
N GLY A 78 -3.72 -12.76 3.69
CA GLY A 78 -3.79 -14.06 4.39
C GLY A 78 -5.25 -14.43 4.63
N LEU A 79 -6.03 -13.48 5.13
CA LEU A 79 -7.44 -13.70 5.38
C LEU A 79 -8.20 -14.14 4.13
N TYR A 80 -7.98 -13.44 3.00
CA TYR A 80 -8.65 -13.80 1.74
C TYR A 80 -8.29 -15.24 1.39
N LEU A 81 -7.02 -15.61 1.60
CA LEU A 81 -6.55 -16.90 1.16
C LEU A 81 -7.07 -18.01 2.07
N TYR A 82 -7.11 -17.75 3.37
CA TYR A 82 -7.76 -18.70 4.30
C TYR A 82 -9.23 -18.95 3.97
N SER A 83 -9.99 -17.89 3.66
CA SER A 83 -11.38 -18.06 3.21
C SER A 83 -11.47 -18.96 2.00
N ALA A 84 -10.57 -18.77 1.05
CA ALA A 84 -10.60 -19.53 -0.19
C ALA A 84 -10.31 -21.01 0.08
N ALA A 85 -9.37 -21.26 0.99
CA ALA A 85 -9.00 -22.62 1.32
C ALA A 85 -10.15 -23.32 2.04
N GLU A 86 -10.83 -22.61 2.94
CA GLU A 86 -12.01 -23.14 3.63
C GLU A 86 -13.15 -23.56 2.69
N THR A 87 -13.30 -22.92 1.52
CA THR A 87 -14.33 -23.36 0.56
C THR A 87 -14.08 -24.81 0.14
N LEU A 88 -12.85 -25.26 0.30
CA LEU A 88 -12.47 -26.64 -0.03
C LEU A 88 -12.73 -27.58 1.14
N GLY A 89 -13.25 -27.05 2.24
CA GLY A 89 -13.68 -27.91 3.34
C GLY A 89 -12.68 -28.08 4.47
N CYS A 90 -11.52 -27.40 4.38
CA CYS A 90 -10.56 -27.45 5.48
C CYS A 90 -10.90 -26.35 6.47
N ALA A 91 -10.28 -26.36 7.63
CA ALA A 91 -10.50 -25.32 8.64
C ALA A 91 -9.24 -24.49 8.80
N ARG A 92 -9.38 -23.16 8.75
CA ARG A 92 -8.29 -22.22 8.99
C ARG A 92 -7.48 -22.58 10.26
N GLU A 93 -8.18 -22.82 11.37
CA GLU A 93 -7.52 -23.13 12.64
C GLU A 93 -6.66 -24.39 12.55
N ASP A 94 -7.11 -25.39 11.83
CA ASP A 94 -6.35 -26.64 11.68
C ASP A 94 -5.08 -26.50 10.81
N ILE A 95 -5.22 -25.89 9.63
CA ILE A 95 -4.05 -25.67 8.78
C ILE A 95 -3.03 -24.69 9.37
N TYR A 96 -3.51 -23.70 10.13
CA TYR A 96 -2.60 -22.83 10.89
C TYR A 96 -1.78 -23.62 11.92
N GLN A 97 -2.45 -24.50 12.65
CA GLN A 97 -1.79 -25.38 13.60
C GLN A 97 -0.70 -26.25 12.89
N LYS A 98 -1.05 -26.78 11.73
CA LYS A 98 -0.10 -27.55 10.90
C LYS A 98 1.12 -26.70 10.51
N MET A 99 0.86 -25.46 10.13
CA MET A 99 1.93 -24.50 9.90
C MET A 99 2.85 -24.34 11.12
N LEU A 100 2.27 -24.11 12.30
CA LEU A 100 3.06 -23.91 13.52
C LEU A 100 3.93 -25.12 13.89
N ASP A 101 3.42 -26.33 13.60
CA ASP A 101 4.06 -27.63 13.88
C ASP A 101 5.07 -28.03 12.81
N GLY A 102 5.13 -27.29 11.70
CA GLY A 102 6.05 -27.59 10.59
C GLY A 102 5.54 -28.64 9.62
N ARG A 103 4.26 -28.99 9.70
CA ARG A 103 3.67 -29.99 8.81
C ARG A 103 3.11 -29.40 7.52
N MET A 104 2.90 -28.08 7.50
CA MET A 104 2.70 -27.34 6.25
C MET A 104 3.78 -26.29 6.08
N LYS A 105 4.10 -25.99 4.83
CA LYS A 105 5.13 -25.02 4.47
C LYS A 105 4.60 -23.57 4.38
N TYR A 106 5.53 -22.64 4.25
CA TYR A 106 5.24 -21.30 3.79
C TYR A 106 6.46 -20.99 2.92
N SER A 107 6.42 -19.87 2.21
CA SER A 107 7.42 -19.54 1.21
C SER A 107 8.85 -19.44 1.74
N SER A 108 9.75 -20.08 1.02
CA SER A 108 11.17 -20.16 1.38
C SER A 108 11.75 -18.78 1.68
N ILE A 109 11.24 -17.77 1.00
CA ILE A 109 11.80 -16.42 1.07
C ILE A 109 11.73 -15.76 2.45
N PHE A 110 10.80 -16.20 3.29
CA PHE A 110 10.61 -15.57 4.58
C PHE A 110 11.53 -16.10 5.68
N ASN A 111 12.45 -16.97 5.30
CA ASN A 111 13.46 -17.49 6.20
C ASN A 111 14.77 -16.72 6.06
N TYR A 112 14.72 -15.57 5.40
CA TYR A 112 15.91 -14.74 5.25
C TYR A 112 15.74 -13.49 6.10
N PRO A 113 16.83 -13.05 6.75
CA PRO A 113 16.77 -11.95 7.71
C PRO A 113 16.88 -10.58 7.06
N THR A 114 16.21 -9.60 7.66
CA THR A 114 16.39 -8.22 7.25
C THR A 114 17.52 -7.56 8.05
N LEU A 115 18.65 -7.39 7.39
CA LEU A 115 19.87 -6.91 8.02
C LEU A 115 20.14 -5.43 7.78
N SER A 116 19.26 -4.80 7.02
CA SER A 116 19.40 -3.36 6.74
C SER A 116 18.08 -2.81 6.24
N TRP A 117 17.96 -1.49 6.26
CA TRP A 117 16.76 -0.85 5.71
C TRP A 117 16.59 -1.14 4.21
N ALA A 118 17.70 -1.17 3.45
CA ALA A 118 17.64 -1.49 2.01
C ALA A 118 16.92 -2.82 1.73
N ASP A 119 17.11 -3.82 2.58
CA ASP A 119 16.41 -5.11 2.50
C ASP A 119 14.89 -4.92 2.40
N ILE A 120 14.35 -3.89 3.07
CA ILE A 120 12.93 -3.67 3.04
C ILE A 120 12.47 -3.27 1.64
N GLY A 121 13.20 -2.34 1.02
CA GLY A 121 12.82 -1.89 -0.32
C GLY A 121 13.04 -3.00 -1.33
N VAL A 122 14.10 -3.79 -1.13
CA VAL A 122 14.38 -4.92 -1.98
C VAL A 122 13.32 -6.03 -1.89
N ILE A 123 12.78 -6.28 -0.69
CA ILE A 123 11.68 -7.23 -0.55
C ILE A 123 10.44 -6.76 -1.32
N GLY A 124 10.05 -5.49 -1.12
CA GLY A 124 8.94 -4.92 -1.85
C GLY A 124 9.13 -5.05 -3.35
N TRP A 125 10.34 -4.77 -3.81
CA TRP A 125 10.66 -4.82 -5.23
C TRP A 125 10.80 -6.25 -5.78
N LEU A 126 11.72 -7.04 -5.22
CA LEU A 126 11.98 -8.39 -5.76
C LEU A 126 11.00 -9.45 -5.28
N VAL A 127 10.73 -9.45 -3.98
CA VAL A 127 9.89 -10.48 -3.39
C VAL A 127 8.42 -10.32 -3.78
N ASP A 128 7.87 -9.11 -3.65
CA ASP A 128 6.54 -8.86 -4.16
C ASP A 128 6.52 -8.98 -5.68
N GLY A 129 7.63 -8.58 -6.33
CA GLY A 129 7.77 -8.73 -7.79
C GLY A 129 7.59 -10.17 -8.22
N ALA A 130 8.26 -11.10 -7.51
CA ALA A 130 8.16 -12.52 -7.82
C ALA A 130 6.75 -13.03 -7.48
N ALA A 131 6.21 -12.56 -6.36
CA ALA A 131 4.85 -12.92 -5.95
C ALA A 131 3.84 -12.53 -7.04
N ILE A 132 3.96 -11.32 -7.57
CA ILE A 132 3.03 -10.81 -8.54
C ILE A 132 3.01 -11.63 -9.85
N VAL A 133 4.20 -11.94 -10.36
CA VAL A 133 4.33 -12.78 -11.55
C VAL A 133 3.61 -14.12 -11.32
N ASN A 134 3.91 -14.75 -10.18
CA ASN A 134 3.27 -16.00 -9.80
C ASN A 134 1.76 -15.85 -9.69
N GLN A 135 1.33 -14.80 -9.01
CA GLN A 135 -0.09 -14.59 -8.73
C GLN A 135 -0.92 -14.17 -9.93
N VAL A 136 -0.35 -13.33 -10.79
CA VAL A 136 -1.03 -12.95 -12.04
C VAL A 136 -1.20 -14.17 -12.92
N ALA A 137 -0.17 -15.03 -12.96
CA ALA A 137 -0.25 -16.32 -13.68
C ALA A 137 -1.37 -17.20 -13.13
N LEU A 138 -1.73 -16.98 -11.87
CA LEU A 138 -2.77 -17.77 -11.21
C LEU A 138 -4.19 -17.19 -11.29
N CYS A 139 -4.33 -16.00 -11.89
CA CYS A 139 -5.63 -15.39 -12.10
C CYS A 139 -6.52 -16.19 -13.06
N ARG A 140 -5.92 -17.14 -13.78
CA ARG A 140 -6.68 -18.11 -14.58
C ARG A 140 -6.54 -19.55 -14.02
N THR A 141 -6.10 -19.68 -12.75
CA THR A 141 -6.12 -20.98 -12.08
C THR A 141 -7.56 -21.52 -12.17
N SER A 142 -7.70 -22.84 -12.23
CA SER A 142 -8.98 -23.48 -12.55
C SER A 142 -10.03 -23.38 -11.42
N TYR A 143 -9.57 -23.20 -10.19
CA TYR A 143 -10.50 -23.14 -9.06
C TYR A 143 -10.93 -21.71 -8.74
N GLY A 144 -12.23 -21.45 -8.92
CA GLY A 144 -12.80 -20.11 -8.90
C GLY A 144 -12.37 -19.25 -7.73
N PRO A 145 -12.67 -19.71 -6.51
CA PRO A 145 -12.29 -18.99 -5.30
C PRO A 145 -10.80 -18.60 -5.29
N TYR A 146 -9.92 -19.46 -5.78
CA TYR A 146 -8.49 -19.16 -5.81
C TYR A 146 -8.18 -18.07 -6.82
N ALA A 147 -8.67 -18.25 -8.05
CA ALA A 147 -8.52 -17.26 -9.12
C ALA A 147 -9.04 -15.88 -8.70
N ARG A 148 -10.19 -15.84 -8.04
CA ARG A 148 -10.80 -14.56 -7.63
C ARG A 148 -10.03 -13.93 -6.46
N ALA A 149 -9.47 -14.78 -5.60
CA ALA A 149 -8.59 -14.25 -4.56
C ALA A 149 -7.32 -13.61 -5.17
N MET A 150 -6.78 -14.20 -6.24
CA MET A 150 -5.60 -13.64 -6.93
C MET A 150 -5.90 -12.30 -7.59
N VAL A 151 -7.07 -12.19 -8.19
CA VAL A 151 -7.52 -10.92 -8.76
C VAL A 151 -7.57 -9.82 -7.70
N LYS A 152 -8.23 -10.10 -6.57
CA LYS A 152 -8.38 -9.10 -5.49
C LYS A 152 -7.03 -8.62 -4.98
N ILE A 153 -6.11 -9.55 -4.84
CA ILE A 153 -4.84 -9.34 -4.18
C ILE A 153 -3.82 -8.61 -5.07
N CYS A 154 -3.75 -8.95 -6.35
CA CYS A 154 -2.73 -8.36 -7.23
C CYS A 154 -2.95 -6.86 -7.43
N LYS A 155 -4.21 -6.46 -7.38
CA LYS A 155 -4.59 -5.07 -7.45
C LYS A 155 -3.89 -4.27 -6.35
N GLU A 156 -3.99 -4.73 -5.10
CA GLU A 156 -3.37 -4.04 -3.96
C GLU A 156 -1.84 -4.24 -3.97
N GLU A 157 -1.39 -5.44 -4.31
CA GLU A 157 0.02 -5.76 -4.19
C GLU A 157 0.95 -5.06 -5.18
N SER A 158 0.47 -4.82 -6.39
CA SER A 158 1.31 -4.16 -7.37
C SER A 158 1.65 -2.72 -6.92
N PHE A 159 0.73 -2.07 -6.21
CA PHE A 159 1.01 -0.78 -5.60
C PHE A 159 2.25 -0.84 -4.68
N HIS A 160 2.25 -1.80 -3.75
CA HIS A 160 3.32 -1.90 -2.75
C HIS A 160 4.65 -2.31 -3.38
N GLN A 161 4.59 -3.13 -4.42
CA GLN A 161 5.78 -3.44 -5.19
C GLN A 161 6.43 -2.17 -5.81
N ARG A 162 5.60 -1.32 -6.41
CA ARG A 162 6.04 -0.02 -6.92
C ARG A 162 6.67 0.85 -5.81
N GLN A 163 6.03 0.92 -4.65
CA GLN A 163 6.58 1.64 -3.50
C GLN A 163 7.93 1.07 -3.04
N GLY A 164 8.09 -0.25 -3.08
CA GLY A 164 9.38 -0.85 -2.72
C GLY A 164 10.44 -0.47 -3.74
N PHE A 165 10.06 -0.49 -5.01
CA PHE A 165 10.99 -0.07 -6.04
C PHE A 165 11.40 1.40 -5.85
N GLU A 166 10.44 2.26 -5.53
CA GLU A 166 10.73 3.67 -5.31
C GLU A 166 11.67 3.91 -4.13
N ALA A 167 11.54 3.07 -3.10
CA ALA A 167 12.42 3.08 -1.94
C ALA A 167 13.84 2.68 -2.35
N CYS A 168 13.95 1.68 -3.22
CA CYS A 168 15.23 1.31 -3.84
C CYS A 168 15.81 2.45 -4.70
N MET A 169 14.96 3.11 -5.48
CA MET A 169 15.41 4.24 -6.29
C MET A 169 16.04 5.38 -5.46
N ALA A 170 15.41 5.75 -4.34
CA ALA A 170 15.97 6.74 -3.42
C ALA A 170 17.41 6.37 -2.98
N LEU A 171 17.62 5.12 -2.56
CA LEU A 171 18.96 4.66 -2.25
C LEU A 171 19.89 4.70 -3.45
N ALA A 172 19.39 4.31 -4.62
CA ALA A 172 20.20 4.30 -5.85
C ALA A 172 20.64 5.70 -6.29
N GLN A 173 19.86 6.71 -5.92
CA GLN A 173 20.16 8.10 -6.28
C GLN A 173 20.75 8.89 -5.11
N GLY A 174 20.97 8.20 -3.99
CA GLY A 174 21.40 8.84 -2.76
C GLY A 174 22.90 8.87 -2.60
N SER A 175 23.36 8.83 -1.36
CA SER A 175 24.80 8.90 -1.06
C SER A 175 25.46 7.59 -1.43
N GLU A 176 26.79 7.59 -1.45
CA GLU A 176 27.54 6.35 -1.65
C GLU A 176 27.14 5.24 -0.65
N ALA A 177 27.06 5.56 0.64
CA ALA A 177 26.65 4.56 1.64
C ALA A 177 25.26 3.95 1.35
N GLN A 178 24.31 4.79 0.91
CA GLN A 178 23.00 4.29 0.52
C GLN A 178 23.06 3.35 -0.70
N LYS A 179 23.86 3.71 -1.69
CA LYS A 179 24.05 2.86 -2.89
C LYS A 179 24.61 1.49 -2.52
N GLN A 180 25.63 1.49 -1.66
CA GLN A 180 26.24 0.27 -1.17
C GLN A 180 25.26 -0.60 -0.39
N MET A 181 24.43 0.04 0.41
CA MET A 181 23.41 -0.64 1.19
C MET A 181 22.47 -1.37 0.23
N LEU A 182 22.00 -0.66 -0.79
CA LEU A 182 21.14 -1.24 -1.80
C LEU A 182 21.78 -2.46 -2.47
N GLN A 183 23.01 -2.32 -2.95
CA GLN A 183 23.67 -3.43 -3.64
C GLN A 183 23.78 -4.67 -2.75
N ASP A 184 24.12 -4.46 -1.47
CA ASP A 184 24.29 -5.57 -0.54
C ASP A 184 22.98 -6.31 -0.32
N ALA A 185 21.89 -5.56 -0.20
CA ALA A 185 20.55 -6.14 -0.05
C ALA A 185 20.15 -6.98 -1.27
N ILE A 186 20.39 -6.44 -2.47
CA ILE A 186 20.23 -7.19 -3.72
C ILE A 186 21.11 -8.45 -3.73
N ASN A 187 22.38 -8.30 -3.38
CA ASN A 187 23.28 -9.45 -3.35
C ASN A 187 22.76 -10.58 -2.43
N ARG A 188 22.05 -10.21 -1.38
CA ARG A 188 21.55 -11.19 -0.43
C ARG A 188 20.16 -11.71 -0.77
N PHE A 189 19.38 -10.94 -1.52
CA PHE A 189 18.01 -11.35 -1.78
C PHE A 189 17.70 -11.84 -3.20
N TRP A 190 18.64 -11.69 -4.13
CA TRP A 190 18.39 -12.05 -5.54
C TRP A 190 18.07 -13.52 -5.73
N TRP A 191 18.97 -14.40 -5.30
CA TRP A 191 18.77 -15.82 -5.50
C TRP A 191 17.58 -16.37 -4.71
N PRO A 192 17.40 -15.90 -3.45
CA PRO A 192 16.20 -16.25 -2.69
C PRO A 192 14.90 -15.86 -3.37
N ALA A 193 14.87 -14.71 -4.03
CA ALA A 193 13.68 -14.31 -4.78
C ALA A 193 13.41 -15.27 -5.95
N LEU A 194 14.45 -15.67 -6.67
CA LEU A 194 14.30 -16.63 -7.76
C LEU A 194 13.79 -17.99 -7.28
N MET A 195 14.12 -18.36 -6.06
CA MET A 195 13.71 -19.66 -5.52
C MET A 195 12.22 -19.72 -5.17
N MET A 196 11.58 -18.55 -5.07
CA MET A 196 10.15 -18.47 -4.81
C MET A 196 9.30 -19.15 -5.89
N PHE A 197 9.84 -19.25 -7.11
CA PHE A 197 9.12 -19.91 -8.20
C PHE A 197 9.10 -21.43 -8.11
N GLY A 198 9.89 -22.00 -7.21
CA GLY A 198 9.82 -23.44 -6.92
C GLY A 198 10.97 -24.15 -7.60
N PRO A 199 11.04 -25.48 -7.48
CA PRO A 199 12.11 -26.24 -8.14
C PRO A 199 12.04 -26.21 -9.69
N ASN A 200 13.12 -26.64 -10.36
CA ASN A 200 13.12 -26.91 -11.83
C ASN A 200 11.95 -27.79 -12.28
N ASP A 201 11.64 -27.75 -13.57
CA ASP A 201 10.52 -28.50 -14.14
C ASP A 201 10.67 -30.03 -14.12
N ASP A 202 11.89 -30.55 -14.04
CA ASP A 202 12.06 -32.00 -13.88
C ASP A 202 12.37 -32.44 -12.43
N ASN A 203 12.29 -31.51 -11.47
CA ASN A 203 12.41 -31.85 -10.06
C ASN A 203 11.19 -31.32 -9.30
N SER A 204 10.01 -31.40 -9.92
CA SER A 204 8.82 -30.75 -9.38
C SER A 204 7.65 -31.73 -9.32
N PRO A 205 7.46 -32.40 -8.17
CA PRO A 205 6.51 -33.55 -8.13
C PRO A 205 5.04 -33.17 -8.34
N ASN A 206 4.66 -31.95 -7.97
CA ASN A 206 3.27 -31.53 -8.10
C ASN A 206 2.88 -31.04 -9.50
N SER A 207 3.85 -30.76 -10.37
CA SER A 207 3.55 -30.07 -11.64
C SER A 207 2.73 -30.88 -12.62
N ALA A 208 3.01 -32.17 -12.75
CA ALA A 208 2.29 -33.02 -13.70
C ALA A 208 0.78 -32.88 -13.51
N ARG A 209 0.30 -33.11 -12.29
CA ARG A 209 -1.12 -32.97 -11.96
C ARG A 209 -1.61 -31.53 -11.97
N SER A 210 -0.80 -30.62 -11.41
CA SER A 210 -1.19 -29.22 -11.33
C SER A 210 -1.37 -28.59 -12.70
N LEU A 211 -0.46 -28.89 -13.62
CA LEU A 211 -0.56 -28.41 -15.00
C LEU A 211 -1.77 -29.01 -15.71
N THR A 212 -1.93 -30.32 -15.61
CA THR A 212 -3.06 -31.04 -16.21
C THR A 212 -4.41 -30.51 -15.75
N TRP A 213 -4.51 -30.22 -14.45
CA TRP A 213 -5.75 -29.76 -13.85
C TRP A 213 -5.86 -28.24 -13.90
N LYS A 214 -4.92 -27.61 -14.62
CA LYS A 214 -4.88 -26.15 -14.83
C LYS A 214 -4.88 -25.33 -13.55
N ILE A 215 -4.24 -25.90 -12.54
CA ILE A 215 -3.99 -25.20 -11.30
C ILE A 215 -2.80 -24.30 -11.58
N LYS A 216 -1.78 -24.90 -12.17
CA LYS A 216 -0.57 -24.19 -12.55
C LYS A 216 -0.73 -23.97 -14.05
N ARG A 217 -0.69 -22.71 -14.46
CA ARG A 217 -0.85 -22.35 -15.86
C ARG A 217 0.48 -22.24 -16.59
N PHE A 218 1.54 -21.88 -15.87
CA PHE A 218 2.90 -21.80 -16.44
C PHE A 218 3.85 -22.54 -15.52
N THR A 219 4.89 -23.17 -16.08
CA THR A 219 5.81 -23.97 -15.29
C THR A 219 6.65 -23.05 -14.39
N ASN A 220 7.17 -23.59 -13.28
CA ASN A 220 8.07 -22.85 -12.39
C ASN A 220 9.16 -22.14 -13.18
N ASP A 221 9.77 -22.89 -14.11
CA ASP A 221 10.87 -22.37 -14.93
C ASP A 221 10.38 -21.28 -15.86
N GLU A 222 9.17 -21.43 -16.40
CA GLU A 222 8.59 -20.40 -17.28
C GLU A 222 8.40 -19.08 -16.54
N LEU A 223 7.79 -19.15 -15.36
CA LEU A 223 7.59 -17.95 -14.55
C LEU A 223 8.91 -17.31 -14.10
N ARG A 224 9.85 -18.13 -13.62
CA ARG A 224 11.16 -17.65 -13.18
C ARG A 224 11.88 -16.88 -14.31
N GLN A 225 11.86 -17.43 -15.53
CA GLN A 225 12.45 -16.79 -16.73
C GLN A 225 11.80 -15.43 -17.02
N ARG A 226 10.49 -15.39 -16.87
CA ARG A 226 9.72 -14.18 -17.09
C ARG A 226 10.09 -13.10 -16.05
N PHE A 227 10.22 -13.49 -14.79
CA PHE A 227 10.68 -12.61 -13.74
C PHE A 227 12.07 -12.06 -14.03
N VAL A 228 13.02 -12.94 -14.36
CA VAL A 228 14.39 -12.50 -14.73
C VAL A 228 14.34 -11.52 -15.91
N ASP A 229 13.64 -11.88 -16.98
CA ASP A 229 13.48 -10.99 -18.14
C ASP A 229 12.90 -9.60 -17.77
N ASN A 230 11.90 -9.57 -16.90
CA ASN A 230 11.26 -8.32 -16.48
C ASN A 230 12.09 -7.49 -15.50
N THR A 231 12.86 -8.18 -14.66
CA THR A 231 13.52 -7.52 -13.54
C THR A 231 14.94 -7.04 -13.87
N VAL A 232 15.61 -7.71 -14.78
CA VAL A 232 16.97 -7.29 -15.11
C VAL A 232 17.01 -5.79 -15.52
N PRO A 233 16.07 -5.34 -16.38
CA PRO A 233 16.04 -3.92 -16.77
C PRO A 233 15.78 -2.97 -15.61
N GLN A 234 15.04 -3.45 -14.61
CA GLN A 234 14.84 -2.68 -13.39
C GLN A 234 16.12 -2.60 -12.57
N VAL A 235 16.92 -3.66 -12.55
CA VAL A 235 18.22 -3.59 -11.89
C VAL A 235 19.11 -2.53 -12.57
N GLU A 236 19.04 -2.50 -13.90
CA GLU A 236 19.79 -1.54 -14.71
C GLU A 236 19.38 -0.10 -14.40
N MET A 237 18.06 0.14 -14.35
CA MET A 237 17.51 1.45 -13.96
C MET A 237 18.05 1.97 -12.63
N LEU A 238 18.35 1.07 -11.70
CA LEU A 238 18.93 1.43 -10.40
C LEU A 238 20.46 1.59 -10.46
N GLY A 239 21.05 1.35 -11.62
CA GLY A 239 22.50 1.34 -11.74
C GLY A 239 23.16 0.28 -10.87
N MET A 240 22.46 -0.83 -10.64
CA MET A 240 22.96 -1.88 -9.74
C MET A 240 23.38 -3.12 -10.54
N THR A 241 23.96 -4.10 -9.85
CA THR A 241 24.33 -5.39 -10.43
C THR A 241 23.53 -6.53 -9.81
N VAL A 242 23.58 -7.65 -10.51
CA VAL A 242 23.04 -8.94 -10.10
C VAL A 242 24.22 -9.84 -9.73
N PRO A 243 24.13 -10.52 -8.57
CA PRO A 243 25.19 -11.46 -8.13
C PRO A 243 25.20 -12.75 -8.95
N ASP A 244 25.32 -12.62 -10.27
CA ASP A 244 25.24 -13.75 -11.20
C ASP A 244 26.24 -13.60 -12.36
N PRO A 245 27.44 -14.18 -12.22
CA PRO A 245 28.47 -14.19 -13.27
C PRO A 245 28.00 -14.83 -14.56
N ASP A 246 26.95 -15.65 -14.50
CA ASP A 246 26.46 -16.33 -15.70
C ASP A 246 25.28 -15.61 -16.37
N LEU A 247 24.79 -14.52 -15.78
CA LEU A 247 23.72 -13.77 -16.39
C LEU A 247 24.21 -13.06 -17.68
N HIS A 248 23.53 -13.31 -18.80
CA HIS A 248 23.80 -12.65 -20.07
C HIS A 248 22.57 -12.69 -20.97
N PHE A 249 22.46 -11.72 -21.86
CA PHE A 249 21.39 -11.73 -22.84
C PHE A 249 21.74 -12.65 -24.01
N ASP A 250 20.77 -13.44 -24.38
CA ASP A 250 20.87 -14.31 -25.53
C ASP A 250 19.97 -13.75 -26.62
N THR A 251 20.57 -13.03 -27.56
CA THR A 251 19.84 -12.41 -28.67
C THR A 251 19.03 -13.44 -29.48
N GLU A 252 19.60 -14.64 -29.63
CA GLU A 252 18.95 -15.70 -30.39
C GLU A 252 17.59 -16.12 -29.84
N SER A 253 17.46 -16.18 -28.51
CA SER A 253 16.21 -16.64 -27.92
C SER A 253 15.31 -15.50 -27.46
N GLY A 254 15.91 -14.34 -27.18
CA GLY A 254 15.17 -13.16 -26.69
C GLY A 254 15.03 -13.16 -25.19
N HIS A 255 15.76 -14.04 -24.51
CA HIS A 255 15.70 -14.15 -23.06
C HIS A 255 17.06 -13.87 -22.43
N TYR A 256 17.04 -13.54 -21.14
CA TYR A 256 18.25 -13.59 -20.34
C TYR A 256 18.56 -15.04 -19.96
N ARG A 257 19.81 -15.45 -20.19
CA ARG A 257 20.28 -16.73 -19.70
C ARG A 257 20.92 -16.44 -18.35
N PHE A 258 20.56 -17.21 -17.35
CA PHE A 258 21.08 -16.96 -15.99
C PHE A 258 21.61 -18.22 -15.31
N GLY A 259 22.42 -18.02 -14.26
CA GLY A 259 23.13 -19.09 -13.56
C GLY A 259 22.25 -20.10 -12.84
N GLU A 260 22.91 -21.17 -12.40
CA GLU A 260 22.25 -22.25 -11.69
C GLU A 260 21.91 -21.82 -10.26
N ILE A 261 20.69 -22.10 -9.85
CA ILE A 261 20.27 -21.95 -8.46
C ILE A 261 21.00 -22.95 -7.55
N ASP A 262 21.35 -22.50 -6.34
CA ASP A 262 21.83 -23.41 -5.30
C ASP A 262 20.65 -24.24 -4.75
N TRP A 263 20.43 -25.41 -5.36
CA TRP A 263 19.35 -26.32 -4.97
C TRP A 263 19.60 -27.01 -3.63
N GLN A 264 20.85 -27.10 -3.20
CA GLN A 264 21.16 -27.69 -1.92
C GLN A 264 20.68 -26.75 -0.79
N GLU A 265 20.94 -25.45 -0.95
CA GLU A 265 20.39 -24.44 -0.03
C GLU A 265 18.86 -24.47 0.01
N PHE A 266 18.24 -24.50 -1.16
CA PHE A 266 16.78 -24.49 -1.28
C PHE A 266 16.16 -25.65 -0.52
N ASN A 267 16.73 -26.84 -0.69
CA ASN A 267 16.28 -27.99 0.06
C ASN A 267 16.54 -27.88 1.57
N GLU A 268 17.68 -27.32 1.96
CA GLU A 268 17.86 -27.00 3.39
C GLU A 268 16.75 -26.08 3.91
N VAL A 269 16.48 -25.01 3.18
CA VAL A 269 15.55 -23.99 3.60
C VAL A 269 14.12 -24.52 3.74
N ILE A 270 13.61 -25.22 2.73
CA ILE A 270 12.20 -25.61 2.76
C ILE A 270 11.94 -26.70 3.79
N ASN A 271 12.99 -27.45 4.14
CA ASN A 271 12.98 -28.42 5.22
C ASN A 271 13.34 -27.88 6.63
N GLY A 272 13.27 -26.57 6.82
CA GLY A 272 13.36 -25.98 8.16
C GLY A 272 14.75 -25.61 8.66
N ARG A 273 15.74 -25.64 7.78
CA ARG A 273 17.12 -25.43 8.17
C ARG A 273 17.77 -24.20 7.48
N GLY A 274 16.98 -23.16 7.24
CA GLY A 274 17.47 -21.92 6.65
C GLY A 274 17.94 -21.00 7.77
N ILE A 275 18.14 -19.73 7.41
CA ILE A 275 18.71 -18.77 8.33
C ILE A 275 17.73 -18.41 9.46
N CYS A 276 16.45 -18.21 9.12
CA CYS A 276 15.47 -17.76 10.11
C CYS A 276 14.30 -18.70 10.39
N ASN A 277 14.32 -19.91 9.82
CA ASN A 277 13.19 -20.86 9.97
C ASN A 277 12.71 -20.98 11.40
N GLN A 278 13.65 -21.29 12.29
CA GLN A 278 13.36 -21.46 13.72
C GLN A 278 12.77 -20.19 14.38
N GLU A 279 13.38 -19.04 14.10
CA GLU A 279 12.93 -17.76 14.62
C GLU A 279 11.51 -17.41 14.17
N ARG A 280 11.21 -17.64 12.89
CA ARG A 280 9.90 -17.33 12.31
C ARG A 280 8.79 -18.14 12.98
N LEU A 281 9.01 -19.45 13.07
CA LEU A 281 8.02 -20.35 13.66
C LEU A 281 7.92 -20.12 15.15
N ASP A 282 9.04 -19.81 15.81
CA ASP A 282 9.03 -19.48 17.23
C ASP A 282 8.20 -18.24 17.48
N ALA A 283 8.40 -17.19 16.68
CA ALA A 283 7.61 -15.98 16.84
C ALA A 283 6.13 -16.29 16.67
N LYS A 284 5.77 -17.09 15.65
CA LYS A 284 4.34 -17.41 15.43
C LYS A 284 3.76 -18.28 16.52
N ARG A 285 4.54 -19.26 16.98
CA ARG A 285 4.15 -20.10 18.14
C ARG A 285 3.98 -19.26 19.40
N LYS A 286 4.94 -18.36 19.65
CA LYS A 286 4.87 -17.46 20.81
C LYS A 286 3.61 -16.60 20.74
N ALA A 287 3.31 -16.01 19.58
CA ALA A 287 2.10 -15.19 19.40
C ALA A 287 0.85 -16.00 19.69
N TRP A 288 0.80 -17.23 19.16
CA TRP A 288 -0.34 -18.12 19.36
C TRP A 288 -0.52 -18.49 20.82
N GLU A 289 0.53 -18.99 21.45
CA GLU A 289 0.43 -19.46 22.84
C GLU A 289 0.11 -18.34 23.84
N GLU A 290 0.83 -17.23 23.72
CA GLU A 290 0.64 -16.08 24.61
C GLU A 290 -0.69 -15.40 24.38
N GLY A 291 -1.28 -15.65 23.21
CA GLY A 291 -2.54 -15.04 22.85
C GLY A 291 -3.74 -15.86 23.29
N THR A 292 -3.48 -17.10 23.71
CA THR A 292 -4.53 -18.06 24.08
C THR A 292 -5.58 -17.47 25.02
N TRP A 293 -5.13 -16.81 26.08
CA TRP A 293 -6.05 -16.23 27.03
C TRP A 293 -6.97 -15.18 26.39
N VAL A 294 -6.48 -14.48 25.37
CA VAL A 294 -7.27 -13.46 24.67
C VAL A 294 -8.37 -14.11 23.84
N ARG A 295 -8.01 -15.16 23.11
CA ARG A 295 -8.98 -15.89 22.28
C ARG A 295 -10.05 -16.53 23.15
N GLU A 296 -9.64 -17.06 24.31
CA GLU A 296 -10.59 -17.68 25.24
C GLU A 296 -11.50 -16.65 25.90
N ALA A 297 -10.94 -15.49 26.21
CA ALA A 297 -11.74 -14.37 26.69
C ALA A 297 -12.81 -13.99 25.66
N ALA A 298 -12.41 -13.88 24.40
CA ALA A 298 -13.32 -13.47 23.32
C ALA A 298 -14.48 -14.46 23.14
N LEU A 299 -14.16 -15.76 23.23
CA LEU A 299 -15.16 -16.82 23.08
C LEU A 299 -16.09 -16.81 24.28
N ALA A 300 -15.53 -16.74 25.48
CA ALA A 300 -16.33 -16.75 26.69
C ALA A 300 -17.24 -15.53 26.82
N HIS A 301 -16.85 -14.41 26.22
CA HIS A 301 -17.65 -13.17 26.29
C HIS A 301 -18.77 -13.21 25.27
N ALA A 302 -18.48 -13.80 24.11
CA ALA A 302 -19.45 -13.93 23.03
C ALA A 302 -20.64 -14.76 23.48
N GLN A 303 -20.34 -15.79 24.25
CA GLN A 303 -21.34 -16.75 24.68
C GLN A 303 -22.32 -16.18 25.67
N LYS A 304 -21.85 -15.27 26.52
CA LYS A 304 -22.70 -14.67 27.55
C LYS A 304 -23.86 -13.83 26.99
N SER B 12 -2.32 31.87 -10.50
CA SER B 12 -2.27 30.90 -9.37
C SER B 12 -3.53 30.04 -9.33
N ASN B 13 -4.70 30.68 -9.37
CA ASN B 13 -6.00 30.01 -9.53
C ASN B 13 -6.10 29.28 -10.85
N GLN B 14 -5.40 29.82 -11.85
CA GLN B 14 -5.36 29.23 -13.18
C GLN B 14 -4.31 28.13 -13.23
N LEU B 15 -3.19 28.37 -12.54
CA LEU B 15 -2.12 27.37 -12.42
C LEU B 15 -2.60 26.15 -11.65
N THR B 16 -3.37 26.39 -10.59
CA THR B 16 -4.02 25.33 -9.82
C THR B 16 -4.88 24.48 -10.74
N ALA B 17 -5.77 25.12 -11.48
CA ALA B 17 -6.68 24.44 -12.39
C ALA B 17 -5.94 23.69 -13.49
N TYR B 18 -4.88 24.30 -14.01
CA TYR B 18 -4.08 23.67 -15.06
C TYR B 18 -3.42 22.40 -14.55
N THR B 19 -2.84 22.47 -13.35
CA THR B 19 -2.10 21.35 -12.76
C THR B 19 -3.06 20.21 -12.39
N LEU B 20 -4.21 20.59 -11.83
CA LEU B 20 -5.24 19.64 -11.47
C LEU B 20 -5.75 18.82 -12.68
N ARG B 21 -5.92 19.49 -13.83
CA ARG B 21 -6.40 18.84 -15.07
C ARG B 21 -5.47 17.72 -15.50
N LEU B 22 -4.18 18.03 -15.54
CA LEU B 22 -3.17 17.08 -15.98
C LEU B 22 -3.13 15.88 -15.03
N GLY B 23 -3.28 16.15 -13.74
CA GLY B 23 -3.38 15.12 -12.71
C GLY B 23 -4.62 14.27 -12.91
N ASP B 24 -5.76 14.90 -13.19
CA ASP B 24 -7.01 14.16 -13.39
C ASP B 24 -6.94 13.20 -14.56
N ASN B 25 -6.34 13.66 -15.66
CA ASN B 25 -6.11 12.81 -16.83
C ASN B 25 -5.45 11.51 -16.40
N CYS B 26 -4.30 11.64 -15.71
CA CYS B 26 -3.52 10.48 -15.26
C CYS B 26 -4.25 9.62 -14.24
N LEU B 27 -4.97 10.26 -13.30
CA LEU B 27 -5.64 9.52 -12.24
C LEU B 27 -6.75 8.63 -12.80
N VAL B 28 -7.58 9.20 -13.66
CA VAL B 28 -8.73 8.49 -14.23
C VAL B 28 -8.26 7.31 -15.10
N LEU B 29 -7.27 7.57 -15.96
CA LEU B 29 -6.65 6.53 -16.78
C LEU B 29 -6.00 5.41 -15.93
N SER B 30 -5.34 5.77 -14.83
CA SER B 30 -4.75 4.76 -13.96
C SER B 30 -5.83 3.86 -13.32
N GLN B 31 -6.93 4.46 -12.88
CA GLN B 31 -8.10 3.72 -12.43
C GLN B 31 -8.61 2.71 -13.45
N ARG B 32 -8.79 3.17 -14.68
CA ARG B 32 -9.21 2.33 -15.80
C ARG B 32 -8.25 1.16 -16.01
N LEU B 33 -6.95 1.47 -16.11
CA LEU B 33 -5.94 0.42 -16.23
C LEU B 33 -5.92 -0.59 -15.07
N GLY B 34 -6.22 -0.11 -13.86
CA GLY B 34 -6.34 -0.97 -12.67
C GLY B 34 -7.39 -2.07 -12.75
N GLU B 35 -8.49 -1.79 -13.46
CA GLU B 35 -9.59 -2.75 -13.68
C GLU B 35 -9.19 -3.97 -14.54
N TRP B 36 -8.10 -3.81 -15.29
CA TRP B 36 -7.56 -4.87 -16.13
C TRP B 36 -6.77 -5.93 -15.35
N CYS B 37 -6.35 -5.60 -14.13
CA CYS B 37 -5.49 -6.48 -13.34
C CYS B 37 -6.11 -7.88 -13.18
N GLY B 38 -5.45 -8.87 -13.77
CA GLY B 38 -5.91 -10.26 -13.73
C GLY B 38 -6.86 -10.66 -14.85
N HIS B 39 -7.28 -9.69 -15.66
CA HIS B 39 -8.29 -9.91 -16.70
C HIS B 39 -7.75 -9.75 -18.13
N ALA B 40 -6.45 -9.48 -18.25
CA ALA B 40 -5.82 -9.24 -19.56
C ALA B 40 -5.64 -10.56 -20.35
N PRO B 41 -5.64 -10.48 -21.69
CA PRO B 41 -5.62 -11.73 -22.49
C PRO B 41 -4.37 -12.59 -22.29
N GLU B 42 -3.29 -11.99 -21.85
CA GLU B 42 -2.00 -12.67 -21.63
C GLU B 42 -1.21 -12.10 -20.45
N LEU B 43 -0.54 -13.01 -19.73
CA LEU B 43 0.33 -12.66 -18.62
C LEU B 43 1.19 -11.41 -18.87
N GLU B 44 1.97 -11.42 -19.95
CA GLU B 44 2.85 -10.30 -20.30
C GLU B 44 2.08 -8.98 -20.47
N ILE B 45 0.89 -9.07 -21.07
CA ILE B 45 0.02 -7.90 -21.25
C ILE B 45 -0.49 -7.42 -19.90
N ASP B 46 -0.97 -8.35 -19.08
CA ASP B 46 -1.45 -8.02 -17.74
C ASP B 46 -0.39 -7.23 -16.95
N LEU B 47 0.84 -7.76 -16.91
CA LEU B 47 1.93 -7.10 -16.19
C LEU B 47 2.29 -5.72 -16.73
N ALA B 48 2.24 -5.55 -18.05
CA ALA B 48 2.55 -4.26 -18.68
C ALA B 48 1.44 -3.24 -18.45
N LEU B 49 0.19 -3.68 -18.49
CA LEU B 49 -0.91 -2.77 -18.25
C LEU B 49 -0.86 -2.25 -16.79
N ALA B 50 -0.58 -3.16 -15.85
CA ALA B 50 -0.43 -2.76 -14.45
C ALA B 50 0.69 -1.73 -14.28
N ASN B 51 1.83 -2.00 -14.91
CA ASN B 51 2.98 -1.13 -14.85
C ASN B 51 2.67 0.30 -15.34
N ILE B 52 1.97 0.37 -16.47
CA ILE B 52 1.54 1.65 -17.04
C ILE B 52 0.53 2.36 -16.12
N GLY B 53 -0.40 1.59 -15.56
CA GLY B 53 -1.33 2.11 -14.58
C GLY B 53 -0.58 2.79 -13.46
N LEU B 54 0.45 2.12 -12.95
CA LEU B 54 1.20 2.64 -11.81
C LEU B 54 2.02 3.88 -12.15
N ASP B 55 2.65 3.88 -13.34
CA ASP B 55 3.33 5.08 -13.85
C ASP B 55 2.37 6.28 -13.80
N LEU B 56 1.18 6.10 -14.36
CA LEU B 56 0.19 7.18 -14.45
C LEU B 56 -0.33 7.59 -13.06
N LEU B 57 -0.50 6.63 -12.16
CA LEU B 57 -0.87 6.93 -10.78
C LEU B 57 0.17 7.85 -10.15
N GLY B 58 1.45 7.50 -10.31
CA GLY B 58 2.56 8.31 -9.78
C GLY B 58 2.59 9.73 -10.35
N GLN B 59 2.37 9.84 -11.65
CA GLN B 59 2.25 11.13 -12.34
C GLN B 59 1.06 11.92 -11.80
N ALA B 60 -0.09 11.24 -11.62
CA ALA B 60 -1.27 11.87 -11.05
C ALA B 60 -1.00 12.40 -9.63
N ARG B 61 -0.28 11.62 -8.84
CA ARG B 61 0.08 12.03 -7.48
C ARG B 61 1.06 13.20 -7.45
N ASN B 62 1.96 13.29 -8.43
CA ASN B 62 2.85 14.46 -8.53
C ASN B 62 2.03 15.71 -8.85
N PHE B 63 1.19 15.62 -9.88
CA PHE B 63 0.34 16.75 -10.25
C PHE B 63 -0.65 17.13 -9.14
N LEU B 64 -1.30 16.14 -8.52
CA LEU B 64 -2.25 16.44 -7.45
C LEU B 64 -1.66 17.10 -6.21
N SER B 65 -0.51 16.60 -5.75
CA SER B 65 0.20 17.20 -4.61
C SER B 65 0.58 18.65 -4.84
N TYR B 66 1.02 18.95 -6.08
CA TYR B 66 1.35 20.33 -6.44
C TYR B 66 0.10 21.21 -6.43
N ALA B 67 -0.96 20.74 -7.07
CA ALA B 67 -2.25 21.41 -7.07
C ALA B 67 -2.74 21.69 -5.65
N ALA B 68 -2.48 20.77 -4.72
CA ALA B 68 -2.79 20.97 -3.30
C ALA B 68 -1.87 21.99 -2.63
N GLU B 69 -0.59 22.02 -3.03
CA GLU B 69 0.37 23.04 -2.52
C GLU B 69 -0.09 24.42 -2.95
N LEU B 70 -0.39 24.53 -4.24
CA LEU B 70 -0.83 25.78 -4.85
C LEU B 70 -2.12 26.32 -4.24
N ALA B 71 -3.06 25.42 -3.93
CA ALA B 71 -4.35 25.78 -3.35
C ALA B 71 -4.27 26.13 -1.86
N GLY B 72 -3.24 25.61 -1.17
CA GLY B 72 -3.00 25.89 0.25
C GLY B 72 -3.92 25.17 1.22
N GLU B 73 -4.58 24.11 0.73
CA GLU B 73 -5.47 23.27 1.54
C GLU B 73 -5.60 21.88 0.89
N GLY B 74 -6.00 20.91 1.71
CA GLY B 74 -6.13 19.52 1.26
C GLY B 74 -4.81 18.91 0.88
N ASP B 75 -4.89 17.80 0.14
CA ASP B 75 -3.70 17.04 -0.28
C ASP B 75 -4.04 16.05 -1.41
N GLU B 76 -3.05 15.23 -1.78
CA GLU B 76 -3.19 14.08 -2.69
C GLU B 76 -4.54 13.36 -2.55
N ASP B 77 -4.89 13.04 -1.30
CA ASP B 77 -6.02 12.16 -0.99
C ASP B 77 -7.36 12.85 -1.03
N THR B 78 -7.43 14.06 -0.47
CA THR B 78 -8.64 14.88 -0.60
C THR B 78 -8.96 15.07 -2.09
N LEU B 79 -7.94 15.32 -2.90
CA LEU B 79 -8.15 15.57 -4.33
C LEU B 79 -8.56 14.31 -5.06
N ALA B 80 -7.95 13.18 -4.72
CA ALA B 80 -8.26 11.94 -5.41
C ALA B 80 -9.63 11.40 -5.05
N PHE B 81 -9.98 11.47 -3.76
CA PHE B 81 -11.07 10.68 -3.23
C PHE B 81 -12.31 11.43 -2.73
N THR B 82 -12.23 12.76 -2.59
CA THR B 82 -13.36 13.53 -2.04
C THR B 82 -14.02 14.49 -3.03
N ARG B 83 -13.51 14.53 -4.26
CA ARG B 83 -14.16 15.24 -5.36
C ARG B 83 -15.09 14.29 -6.09
N ASP B 84 -16.27 14.79 -6.45
CA ASP B 84 -17.19 14.04 -7.30
C ASP B 84 -17.00 14.51 -8.75
N GLU B 85 -17.86 14.00 -9.64
CA GLU B 85 -17.70 14.13 -11.11
C GLU B 85 -17.55 15.55 -11.62
N ARG B 86 -18.33 16.46 -11.06
CA ARG B 86 -18.35 17.84 -11.53
C ARG B 86 -17.09 18.63 -11.17
N GLN B 87 -16.30 18.10 -10.25
CA GLN B 87 -15.07 18.75 -9.83
C GLN B 87 -13.86 18.18 -10.56
N PHE B 88 -14.06 17.05 -11.25
CA PHE B 88 -13.01 16.46 -12.06
C PHE B 88 -12.93 17.14 -13.42
N SER B 89 -11.71 17.35 -13.90
CA SER B 89 -11.56 18.04 -15.17
C SER B 89 -10.68 17.30 -16.17
N ASN B 90 -10.71 15.97 -16.10
CA ASN B 90 -9.97 15.12 -17.02
C ASN B 90 -10.55 15.20 -18.43
N LEU B 91 -9.71 14.93 -19.42
CA LEU B 91 -10.18 14.73 -20.79
C LEU B 91 -11.14 13.56 -20.80
N LEU B 92 -12.13 13.65 -21.67
CA LEU B 92 -13.18 12.67 -21.78
C LEU B 92 -12.65 11.31 -22.28
N LEU B 93 -11.58 11.36 -23.07
CA LEU B 93 -10.99 10.14 -23.61
C LEU B 93 -10.62 9.16 -22.51
N VAL B 94 -10.08 9.65 -21.39
CA VAL B 94 -9.53 8.78 -20.36
C VAL B 94 -10.64 8.10 -19.55
N GLU B 95 -11.83 8.70 -19.51
CA GLU B 95 -12.94 8.13 -18.73
C GLU B 95 -13.76 7.08 -19.49
N GLN B 96 -13.47 6.85 -20.76
CA GLN B 96 -14.16 5.83 -21.56
C GLN B 96 -13.99 4.42 -20.97
N PRO B 97 -14.99 3.54 -21.11
CA PRO B 97 -14.77 2.22 -20.51
C PRO B 97 -13.62 1.46 -21.18
N ASN B 98 -13.08 0.49 -20.46
CA ASN B 98 -12.03 -0.38 -21.00
C ASN B 98 -12.40 -1.14 -22.27
N GLY B 99 -13.66 -1.57 -22.36
CA GLY B 99 -14.15 -2.37 -23.49
C GLY B 99 -13.34 -3.65 -23.65
N ASN B 100 -13.08 -4.02 -24.90
CA ASN B 100 -12.19 -5.15 -25.16
C ASN B 100 -10.75 -4.65 -25.18
N PHE B 101 -9.80 -5.56 -25.37
CA PHE B 101 -8.40 -5.17 -25.43
C PHE B 101 -8.15 -4.05 -26.44
N ALA B 102 -8.87 -4.13 -27.56
CA ALA B 102 -8.72 -3.18 -28.65
C ALA B 102 -9.13 -1.77 -28.23
N ASP B 103 -10.29 -1.66 -27.59
CA ASP B 103 -10.85 -0.39 -27.11
C ASP B 103 -9.88 0.29 -26.16
N THR B 104 -9.26 -0.55 -25.32
CA THR B 104 -8.25 -0.12 -24.36
C THR B 104 -6.95 0.29 -25.07
N ILE B 105 -6.51 -0.49 -26.06
CA ILE B 105 -5.31 -0.13 -26.81
C ILE B 105 -5.50 1.20 -27.53
N ALA B 106 -6.65 1.39 -28.16
CA ALA B 106 -6.92 2.63 -28.89
C ALA B 106 -6.87 3.85 -27.96
N ARG B 107 -7.51 3.73 -26.79
CA ARG B 107 -7.55 4.79 -25.80
C ARG B 107 -6.14 5.16 -25.36
N GLN B 108 -5.37 4.12 -25.05
CA GLN B 108 -4.01 4.28 -24.57
C GLN B 108 -3.16 5.00 -25.61
N TYR B 109 -3.26 4.56 -26.86
CA TYR B 109 -2.43 5.06 -27.95
C TYR B 109 -2.67 6.56 -28.18
N PHE B 110 -3.95 6.94 -28.24
CA PHE B 110 -4.31 8.35 -28.42
C PHE B 110 -3.77 9.23 -27.32
N ILE B 111 -3.82 8.75 -26.09
CA ILE B 111 -3.32 9.54 -24.97
C ILE B 111 -1.79 9.48 -24.79
N ASP B 112 -1.19 8.33 -25.06
CA ASP B 112 0.27 8.20 -25.02
C ASP B 112 0.92 9.15 -26.03
N ALA B 113 0.38 9.17 -27.25
CA ALA B 113 0.87 10.05 -28.29
C ALA B 113 0.76 11.49 -27.84
N TRP B 114 -0.36 11.80 -27.20
CA TRP B 114 -0.60 13.11 -26.63
C TRP B 114 0.35 13.42 -25.47
N HIS B 115 0.55 12.44 -24.57
CA HIS B 115 1.44 12.63 -23.41
C HIS B 115 2.89 12.90 -23.83
N VAL B 116 3.41 12.07 -24.74
CA VAL B 116 4.78 12.24 -25.27
C VAL B 116 4.97 13.68 -25.79
N ALA B 117 4.08 14.10 -26.70
CA ALA B 117 4.17 15.44 -27.30
C ALA B 117 4.09 16.53 -26.24
N LEU B 118 3.15 16.39 -25.30
CA LEU B 118 2.95 17.37 -24.23
C LEU B 118 4.14 17.49 -23.25
N PHE B 119 4.54 16.37 -22.64
CA PHE B 119 5.60 16.37 -21.64
C PHE B 119 6.96 16.71 -22.19
N THR B 120 7.19 16.39 -23.48
CA THR B 120 8.40 16.81 -24.16
C THR B 120 8.49 18.34 -24.06
N ARG B 121 7.37 19.00 -24.34
CA ARG B 121 7.30 20.46 -24.29
C ARG B 121 7.20 21.04 -22.87
N LEU B 122 6.43 20.38 -22.00
CA LEU B 122 6.22 20.88 -20.65
C LEU B 122 7.47 20.89 -19.77
N MET B 123 8.44 20.03 -20.07
CA MET B 123 9.70 20.02 -19.32
C MET B 123 10.60 21.21 -19.71
N GLU B 124 9.97 22.25 -20.25
CA GLU B 124 10.61 23.53 -20.51
C GLU B 124 9.74 24.65 -19.95
N SER B 125 8.77 24.27 -19.12
CA SER B 125 7.94 25.24 -18.42
C SER B 125 8.77 26.17 -17.56
N ARG B 126 8.31 27.41 -17.43
CA ARG B 126 8.91 28.38 -16.54
C ARG B 126 8.59 28.07 -15.09
N ASP B 127 7.62 27.19 -14.87
CA ASP B 127 7.35 26.69 -13.53
C ASP B 127 8.26 25.50 -13.24
N PRO B 128 9.18 25.65 -12.27
CA PRO B 128 10.16 24.60 -11.99
C PRO B 128 9.51 23.27 -11.61
N GLN B 129 8.41 23.33 -10.85
CA GLN B 129 7.69 22.11 -10.43
C GLN B 129 7.05 21.41 -11.62
N LEU B 130 6.43 22.15 -12.52
CA LEU B 130 5.79 21.54 -13.69
C LEU B 130 6.82 20.91 -14.62
N ALA B 131 7.96 21.59 -14.78
CA ALA B 131 9.07 21.08 -15.57
C ALA B 131 9.63 19.78 -14.98
N ALA B 132 9.79 19.75 -13.65
CA ALA B 132 10.32 18.57 -12.95
C ALA B 132 9.41 17.37 -13.14
N ILE B 133 8.12 17.58 -12.84
CA ILE B 133 7.10 16.56 -13.02
C ILE B 133 7.16 15.96 -14.44
N SER B 134 7.31 16.83 -15.45
CA SER B 134 7.27 16.41 -16.86
C SER B 134 8.49 15.61 -17.26
N ALA B 135 9.63 15.97 -16.68
CA ALA B 135 10.89 15.33 -16.98
C ALA B 135 10.89 13.89 -16.51
N LYS B 136 10.16 13.62 -15.42
CA LYS B 136 9.98 12.25 -14.93
C LYS B 136 8.90 11.54 -15.76
N ALA B 137 7.85 12.29 -16.11
CA ALA B 137 6.70 11.76 -16.86
C ALA B 137 7.07 11.36 -18.27
N ILE B 138 7.93 12.16 -18.92
CA ILE B 138 8.31 11.92 -20.32
C ILE B 138 9.02 10.58 -20.50
N LYS B 139 9.83 10.20 -19.52
CA LYS B 139 10.52 8.91 -19.55
C LYS B 139 9.48 7.80 -19.63
N GLU B 140 8.45 7.88 -18.80
CA GLU B 140 7.43 6.83 -18.79
C GLU B 140 6.57 6.85 -20.04
N ALA B 141 6.16 8.04 -20.50
CA ALA B 141 5.23 8.15 -21.64
C ALA B 141 5.81 7.55 -22.94
N ARG B 142 7.11 7.72 -23.14
CA ARG B 142 7.80 7.12 -24.27
C ARG B 142 7.65 5.60 -24.25
N TYR B 143 7.72 4.99 -23.06
CA TYR B 143 7.52 3.56 -22.94
C TYR B 143 6.08 3.22 -23.20
N HIS B 144 5.15 4.03 -22.68
CA HIS B 144 3.74 3.79 -22.93
C HIS B 144 3.43 3.79 -24.44
N LEU B 145 4.00 4.76 -25.16
CA LEU B 145 3.79 4.86 -26.61
C LEU B 145 4.27 3.62 -27.36
N ARG B 146 5.46 3.13 -27.04
CA ARG B 146 5.98 1.91 -27.67
C ARG B 146 5.02 0.73 -27.47
N PHE B 147 4.50 0.59 -26.26
CA PHE B 147 3.56 -0.48 -25.91
C PHE B 147 2.30 -0.40 -26.76
N SER B 148 1.67 0.77 -26.76
CA SER B 148 0.35 0.94 -27.35
C SER B 148 0.39 0.94 -28.90
N ARG B 149 1.29 1.73 -29.48
CA ARG B 149 1.55 1.66 -30.93
C ARG B 149 1.87 0.22 -31.36
N GLY B 150 2.65 -0.47 -30.52
CA GLY B 150 3.04 -1.84 -30.79
C GLY B 150 1.83 -2.73 -30.92
N TRP B 151 0.92 -2.61 -29.95
CA TRP B 151 -0.32 -3.41 -29.94
C TRP B 151 -1.34 -2.99 -30.98
N LEU B 152 -1.32 -1.71 -31.34
CA LEU B 152 -2.14 -1.23 -32.45
C LEU B 152 -1.78 -1.98 -33.74
N GLU B 153 -0.49 -1.98 -34.09
CA GLU B 153 -0.03 -2.68 -35.30
C GLU B 153 -0.40 -4.17 -35.23
N ARG B 154 -0.08 -4.83 -34.11
CA ARG B 154 -0.33 -6.27 -33.94
C ARG B 154 -1.82 -6.64 -34.05
N LEU B 155 -2.70 -5.83 -33.45
CA LEU B 155 -4.13 -6.10 -33.52
C LEU B 155 -4.73 -5.84 -34.90
N GLY B 156 -4.28 -4.78 -35.54
CA GLY B 156 -4.69 -4.48 -36.92
C GLY B 156 -4.24 -5.52 -37.92
N ASN B 157 -3.01 -6.01 -37.77
CA ASN B 157 -2.41 -6.99 -38.68
C ASN B 157 -2.75 -8.46 -38.40
N GLY B 158 -3.68 -8.68 -37.48
CA GLY B 158 -4.04 -10.03 -37.04
C GLY B 158 -5.21 -10.66 -37.78
N THR B 159 -5.98 -11.44 -37.02
CA THR B 159 -6.94 -12.45 -37.52
C THR B 159 -8.02 -12.02 -38.51
N ASP B 160 -8.22 -10.72 -38.71
CA ASP B 160 -9.35 -10.17 -39.50
C ASP B 160 -10.41 -9.69 -38.52
N VAL B 161 -10.86 -10.61 -37.68
CA VAL B 161 -11.76 -10.33 -36.57
C VAL B 161 -11.09 -9.30 -35.64
N SER B 162 -9.80 -9.51 -35.40
CA SER B 162 -8.99 -8.58 -34.60
C SER B 162 -8.85 -7.22 -35.27
N GLY B 163 -8.80 -7.21 -36.60
CA GLY B 163 -8.69 -5.98 -37.37
C GLY B 163 -9.96 -5.15 -37.37
N GLN B 164 -11.09 -5.84 -37.53
CA GLN B 164 -12.43 -5.25 -37.33
C GLN B 164 -12.54 -4.61 -35.94
N LYS B 165 -12.18 -5.38 -34.90
CA LYS B 165 -12.24 -4.92 -33.49
C LYS B 165 -11.39 -3.69 -33.24
N MET B 166 -10.17 -3.70 -33.78
CA MET B 166 -9.25 -2.57 -33.66
C MET B 166 -9.82 -1.34 -34.39
N GLN B 167 -10.35 -1.54 -35.60
CA GLN B 167 -10.97 -0.44 -36.34
C GLN B 167 -12.14 0.18 -35.57
N GLN B 168 -12.97 -0.67 -34.97
CA GLN B 168 -14.13 -0.19 -34.19
C GLN B 168 -13.69 0.61 -32.97
N ALA B 169 -12.64 0.16 -32.30
CA ALA B 169 -12.07 0.88 -31.17
C ALA B 169 -11.66 2.29 -31.57
N ILE B 170 -10.95 2.40 -32.70
CA ILE B 170 -10.52 3.69 -33.25
C ILE B 170 -11.72 4.55 -33.66
N ASN B 171 -12.68 3.94 -34.35
CA ASN B 171 -13.93 4.62 -34.72
C ASN B 171 -14.71 5.14 -33.52
N LYS B 172 -14.84 4.31 -32.48
CA LYS B 172 -15.62 4.70 -31.31
C LYS B 172 -15.02 5.87 -30.53
N LEU B 173 -13.69 5.93 -30.47
CA LEU B 173 -13.01 6.92 -29.62
C LEU B 173 -12.65 8.21 -30.33
N TRP B 174 -12.71 8.19 -31.66
CA TRP B 174 -12.27 9.34 -32.44
C TRP B 174 -12.95 10.64 -32.02
N ARG B 175 -14.20 10.55 -31.57
CA ARG B 175 -15.00 11.72 -31.22
C ARG B 175 -14.43 12.49 -30.02
N PHE B 176 -13.57 11.84 -29.24
CA PHE B 176 -12.98 12.44 -28.05
C PHE B 176 -11.58 13.00 -28.31
N THR B 177 -11.18 13.06 -29.57
CA THR B 177 -9.79 13.43 -29.92
C THR B 177 -9.58 14.91 -30.15
N ALA B 178 -10.64 15.64 -30.49
CA ALA B 178 -10.53 17.09 -30.70
C ALA B 178 -10.23 17.83 -29.40
N GLU B 179 -10.76 17.33 -28.29
CA GLU B 179 -10.55 17.94 -26.96
C GLU B 179 -9.05 17.99 -26.55
N LEU B 180 -8.25 17.10 -27.12
CA LEU B 180 -6.81 17.08 -26.90
C LEU B 180 -6.13 18.38 -27.36
N PHE B 181 -6.75 19.10 -28.28
CA PHE B 181 -6.13 20.27 -28.90
C PHE B 181 -6.92 21.53 -28.72
N ASP B 182 -7.90 21.49 -27.82
CA ASP B 182 -8.64 22.69 -27.46
C ASP B 182 -7.85 23.51 -26.45
N ALA B 183 -7.85 24.83 -26.62
CA ALA B 183 -7.24 25.73 -25.65
C ALA B 183 -8.32 26.62 -25.05
N ASP B 184 -8.41 26.64 -23.72
CA ASP B 184 -9.36 27.51 -23.03
C ASP B 184 -8.60 28.69 -22.45
N GLU B 185 -9.29 29.57 -21.71
CA GLU B 185 -8.67 30.80 -21.17
C GLU B 185 -7.39 30.57 -20.37
N ILE B 186 -7.38 29.50 -19.59
CA ILE B 186 -6.24 29.11 -18.76
C ILE B 186 -5.05 28.68 -19.62
N ASP B 187 -5.26 27.73 -20.53
CA ASP B 187 -4.23 27.32 -21.50
C ASP B 187 -3.57 28.53 -22.18
N ILE B 188 -4.40 29.43 -22.72
CA ILE B 188 -3.91 30.59 -23.46
C ILE B 188 -3.07 31.51 -22.58
N ALA B 189 -3.63 31.93 -21.44
CA ALA B 189 -2.95 32.89 -20.55
C ALA B 189 -1.64 32.33 -19.99
N LEU B 190 -1.67 31.08 -19.51
CA LEU B 190 -0.47 30.43 -18.99
C LEU B 190 0.58 30.11 -20.06
N SER B 191 0.13 29.85 -21.29
CA SER B 191 1.01 29.63 -22.46
C SER B 191 1.83 30.84 -22.82
N GLU B 192 1.19 32.00 -22.93
CA GLU B 192 1.91 33.22 -23.23
C GLU B 192 2.75 33.70 -22.05
N GLU B 193 2.68 32.96 -20.94
CA GLU B 193 3.60 33.16 -19.81
C GLU B 193 4.78 32.18 -19.86
N GLY B 194 4.72 31.23 -20.79
CA GLY B 194 5.75 30.19 -20.92
C GLY B 194 5.63 29.08 -19.90
N ILE B 195 4.53 29.08 -19.14
CA ILE B 195 4.29 28.07 -18.10
C ILE B 195 3.57 26.84 -18.66
N ALA B 196 2.50 27.08 -19.43
CA ALA B 196 1.66 26.00 -19.96
C ALA B 196 1.94 25.76 -21.44
N VAL B 197 1.66 24.53 -21.89
CA VAL B 197 1.70 24.21 -23.31
C VAL B 197 0.33 24.45 -23.93
N ASP B 198 0.30 25.29 -24.96
CA ASP B 198 -0.88 25.51 -25.78
C ASP B 198 -1.27 24.24 -26.55
N PRO B 199 -2.41 23.63 -26.20
CA PRO B 199 -2.77 22.32 -26.79
C PRO B 199 -2.99 22.35 -28.29
N ARG B 200 -3.31 23.51 -28.85
CA ARG B 200 -3.47 23.63 -30.29
C ARG B 200 -2.16 23.24 -30.97
N THR B 201 -1.04 23.53 -30.30
CA THR B 201 0.29 23.36 -30.88
C THR B 201 0.74 21.90 -30.82
N LEU B 202 -0.11 21.03 -30.27
CA LEU B 202 0.23 19.62 -30.15
C LEU B 202 -0.43 18.77 -31.23
N ARG B 203 -1.22 19.41 -32.09
CA ARG B 203 -2.00 18.69 -33.09
C ARG B 203 -1.13 18.05 -34.19
N ALA B 204 -0.19 18.82 -34.73
CA ALA B 204 0.71 18.30 -35.78
C ALA B 204 1.57 17.12 -35.32
N ALA B 205 2.08 17.16 -34.09
CA ALA B 205 2.90 16.07 -33.58
C ALA B 205 2.05 14.83 -33.33
N TRP B 206 0.85 15.03 -32.80
CA TRP B 206 -0.07 13.94 -32.53
C TRP B 206 -0.52 13.26 -33.82
N GLU B 207 -0.90 14.07 -34.80
CA GLU B 207 -1.40 13.56 -36.08
C GLU B 207 -0.32 12.78 -36.84
N ALA B 208 0.88 13.36 -36.94
CA ALA B 208 1.99 12.69 -37.60
C ALA B 208 2.16 11.29 -37.02
N GLU B 209 2.10 11.18 -35.70
CA GLU B 209 2.23 9.90 -35.00
C GLU B 209 1.01 9.00 -35.26
N VAL B 210 -0.17 9.50 -34.91
CA VAL B 210 -1.38 8.68 -34.88
C VAL B 210 -1.86 8.25 -36.29
N PHE B 211 -1.81 9.15 -37.27
CA PHE B 211 -2.19 8.79 -38.63
C PHE B 211 -1.29 7.68 -39.14
N ALA B 212 0.02 7.81 -38.90
CA ALA B 212 0.99 6.83 -39.37
C ALA B 212 0.82 5.47 -38.68
N GLY B 213 0.52 5.48 -37.39
CA GLY B 213 0.34 4.26 -36.64
C GLY B 213 -0.94 3.51 -37.02
N ILE B 214 -2.01 4.26 -37.31
CA ILE B 214 -3.29 3.68 -37.72
C ILE B 214 -3.15 2.99 -39.08
N ASN B 215 -2.47 3.65 -40.02
CA ASN B 215 -2.23 3.10 -41.35
C ASN B 215 -1.26 1.91 -41.39
N GLU B 216 -0.16 1.99 -40.64
CA GLU B 216 0.77 0.87 -40.44
C GLU B 216 0.09 -0.39 -39.91
N ALA B 217 -1.00 -0.20 -39.17
CA ALA B 217 -1.84 -1.30 -38.69
C ALA B 217 -2.84 -1.83 -39.74
N THR B 218 -2.79 -1.25 -40.95
CA THR B 218 -3.68 -1.57 -42.10
C THR B 218 -5.09 -0.97 -41.93
N LEU B 219 -5.25 -0.07 -40.97
CA LEU B 219 -6.56 0.46 -40.62
C LEU B 219 -6.74 1.89 -41.13
N ASN B 220 -7.98 2.37 -41.09
CA ASN B 220 -8.34 3.70 -41.60
C ASN B 220 -8.50 4.76 -40.53
N VAL B 221 -7.99 5.94 -40.81
CA VAL B 221 -8.22 7.13 -40.00
C VAL B 221 -9.65 7.58 -40.21
N PRO B 222 -10.44 7.70 -39.11
CA PRO B 222 -11.81 8.20 -39.23
C PRO B 222 -11.80 9.65 -39.69
N GLN B 223 -12.74 9.98 -40.57
CA GLN B 223 -12.90 11.33 -41.04
C GLN B 223 -14.35 11.47 -41.37
N GLU B 224 -15.07 12.38 -40.72
CA GLU B 224 -14.60 13.31 -39.68
C GLU B 224 -15.91 13.94 -39.25
N GLN B 225 -16.13 14.11 -37.95
CA GLN B 225 -17.47 14.47 -37.51
C GLN B 225 -17.51 15.17 -36.18
N ALA B 226 -18.72 15.32 -35.64
CA ALA B 226 -18.97 15.88 -34.30
C ALA B 226 -17.98 15.37 -33.26
N TYR B 227 -17.45 16.30 -32.49
CA TYR B 227 -16.48 15.99 -31.45
C TYR B 227 -17.05 16.33 -30.10
N ARG B 228 -16.83 15.43 -29.14
CA ARG B 228 -17.32 15.62 -27.77
C ARG B 228 -16.29 16.37 -26.93
N THR B 229 -16.76 17.40 -26.23
CA THR B 229 -15.92 18.30 -25.45
C THR B 229 -16.62 18.54 -24.10
N GLY B 230 -15.90 19.09 -23.12
CA GLY B 230 -16.53 19.37 -21.82
C GLY B 230 -15.83 18.78 -20.60
N GLY B 231 -14.92 17.84 -20.79
CA GLY B 231 -14.23 17.21 -19.67
C GLY B 231 -13.54 18.25 -18.78
N LYS B 232 -12.88 19.21 -19.43
CA LYS B 232 -12.11 20.24 -18.74
C LYS B 232 -12.99 21.18 -17.92
N LYS B 233 -14.27 21.24 -18.27
CA LYS B 233 -15.21 22.10 -17.54
C LYS B 233 -16.16 21.36 -16.58
N GLY B 234 -15.81 20.12 -16.25
CA GLY B 234 -16.59 19.32 -15.30
C GLY B 234 -17.86 18.75 -15.90
N LEU B 235 -17.91 18.65 -17.23
CA LEU B 235 -19.05 18.12 -17.97
C LEU B 235 -18.67 16.79 -18.63
N HIS B 236 -19.04 15.71 -17.97
CA HIS B 236 -18.54 14.39 -18.35
C HIS B 236 -19.57 13.51 -19.08
N THR B 237 -19.09 12.42 -19.65
CA THR B 237 -19.97 11.37 -20.17
C THR B 237 -20.62 10.65 -19.00
N GLU B 238 -21.45 9.65 -19.30
CA GLU B 238 -22.10 8.84 -18.29
C GLU B 238 -21.11 7.96 -17.52
N HIS B 239 -19.86 7.91 -17.95
CA HIS B 239 -18.88 6.95 -17.42
C HIS B 239 -18.10 7.34 -16.16
N LEU B 240 -17.89 8.63 -15.94
CA LEU B 240 -17.06 9.06 -14.82
C LEU B 240 -17.72 8.94 -13.46
N GLY B 241 -18.99 9.30 -13.37
CA GLY B 241 -19.76 9.20 -12.11
C GLY B 241 -19.66 7.80 -11.50
N PRO B 242 -20.13 6.76 -12.22
CA PRO B 242 -19.98 5.39 -11.73
C PRO B 242 -18.54 4.98 -11.38
N MET B 243 -17.56 5.38 -12.18
CA MET B 243 -16.17 5.02 -11.89
C MET B 243 -15.70 5.66 -10.58
N LEU B 244 -16.08 6.91 -10.38
CA LEU B 244 -15.71 7.65 -9.18
C LEU B 244 -16.28 7.04 -7.91
N ALA B 245 -17.52 6.55 -7.98
CA ALA B 245 -18.13 5.84 -6.87
C ALA B 245 -17.34 4.58 -6.50
N GLU B 246 -16.91 3.82 -7.50
CA GLU B 246 -16.07 2.63 -7.31
C GLU B 246 -14.72 2.98 -6.67
N MET B 247 -14.10 4.07 -7.13
CA MET B 247 -12.89 4.62 -6.52
C MET B 247 -13.13 5.17 -5.08
N GLN B 248 -14.20 4.72 -4.43
CA GLN B 248 -14.40 4.96 -2.99
C GLN B 248 -13.97 3.74 -2.17
N SER C 12 3.91 32.31 18.80
CA SER C 12 4.21 31.29 17.74
C SER C 12 4.98 30.15 18.37
N ASN C 13 5.84 30.48 19.34
CA ASN C 13 6.54 29.46 20.15
C ASN C 13 5.58 28.54 20.90
N GLN C 14 4.54 29.12 21.49
CA GLN C 14 3.58 28.33 22.30
C GLN C 14 2.78 27.37 21.42
N LEU C 15 2.19 27.92 20.36
CA LEU C 15 1.48 27.18 19.33
C LEU C 15 2.33 26.04 18.74
N THR C 16 3.60 26.31 18.45
CA THR C 16 4.53 25.30 17.96
C THR C 16 4.72 24.13 18.94
N ALA C 17 4.94 24.47 20.21
CA ALA C 17 5.09 23.50 21.29
C ALA C 17 3.82 22.69 21.52
N TYR C 18 2.69 23.37 21.44
CA TYR C 18 1.40 22.71 21.62
C TYR C 18 1.14 21.66 20.51
N THR C 19 1.32 22.10 19.27
CA THR C 19 1.16 21.26 18.08
C THR C 19 2.10 20.07 18.14
N LEU C 20 3.34 20.32 18.56
CA LEU C 20 4.35 19.28 18.69
C LEU C 20 3.98 18.23 19.73
N ARG C 21 3.33 18.65 20.81
CA ARG C 21 2.87 17.73 21.86
C ARG C 21 1.88 16.72 21.31
N LEU C 22 0.93 17.22 20.52
CA LEU C 22 -0.08 16.36 19.94
C LEU C 22 0.57 15.42 18.95
N GLY C 23 1.48 15.94 18.13
CA GLY C 23 2.28 15.08 17.23
C GLY C 23 3.04 13.97 17.94
N ASP C 24 3.74 14.35 19.02
CA ASP C 24 4.61 13.40 19.75
C ASP C 24 3.81 12.28 20.39
N ASN C 25 2.65 12.61 20.97
CA ASN C 25 1.74 11.60 21.50
C ASN C 25 1.43 10.54 20.45
N CYS C 26 1.10 11.01 19.24
CA CYS C 26 0.64 10.12 18.17
C CYS C 26 1.83 9.34 17.64
N LEU C 27 2.99 10.01 17.58
CA LEU C 27 4.19 9.37 17.07
C LEU C 27 4.62 8.23 18.00
N VAL C 28 4.73 8.51 19.29
CA VAL C 28 5.25 7.55 20.23
C VAL C 28 4.31 6.37 20.39
N LEU C 29 3.01 6.63 20.40
CA LEU C 29 2.05 5.55 20.53
C LEU C 29 2.06 4.68 19.27
N SER C 30 2.12 5.35 18.11
CA SER C 30 2.32 4.64 16.85
C SER C 30 3.53 3.71 16.89
N GLN C 31 4.67 4.18 17.39
CA GLN C 31 5.86 3.34 17.52
C GLN C 31 5.52 2.07 18.29
N ARG C 32 4.84 2.25 19.42
CA ARG C 32 4.54 1.10 20.28
C ARG C 32 3.68 0.07 19.56
N LEU C 33 2.68 0.54 18.85
CA LEU C 33 1.77 -0.34 18.15
C LEU C 33 2.48 -1.10 17.03
N GLY C 34 3.41 -0.41 16.38
CA GLY C 34 4.32 -1.05 15.40
C GLY C 34 4.99 -2.34 15.86
N GLU C 35 5.37 -2.39 17.15
CA GLU C 35 6.03 -3.56 17.75
C GLU C 35 5.12 -4.80 17.77
N TRP C 36 3.80 -4.59 17.70
CA TRP C 36 2.84 -5.69 17.71
C TRP C 36 2.75 -6.45 16.40
N CYS C 37 3.11 -5.81 15.30
CA CYS C 37 3.02 -6.43 13.99
C CYS C 37 3.48 -7.87 13.98
N GLY C 38 2.54 -8.79 13.80
CA GLY C 38 2.87 -10.20 13.66
C GLY C 38 3.01 -10.96 14.97
N HIS C 39 2.69 -10.30 16.09
CA HIS C 39 2.80 -10.91 17.41
C HIS C 39 1.47 -10.98 18.15
N ALA C 40 0.38 -10.67 17.45
CA ALA C 40 -0.93 -10.55 18.09
C ALA C 40 -1.61 -11.90 18.32
N PRO C 41 -2.60 -11.96 19.25
CA PRO C 41 -3.36 -13.19 19.52
C PRO C 41 -4.13 -13.80 18.34
N GLU C 42 -4.57 -12.95 17.39
CA GLU C 42 -5.32 -13.38 16.19
C GLU C 42 -4.87 -12.48 15.05
N LEU C 43 -4.91 -13.00 13.82
CA LEU C 43 -4.58 -12.24 12.59
C LEU C 43 -5.39 -10.94 12.48
N GLU C 44 -6.68 -11.02 12.82
CA GLU C 44 -7.56 -9.84 12.89
C GLU C 44 -7.10 -8.74 13.84
N ILE C 45 -6.58 -9.12 15.00
CA ILE C 45 -6.00 -8.14 15.93
C ILE C 45 -4.69 -7.55 15.34
N ASP C 46 -3.86 -8.38 14.73
CA ASP C 46 -2.64 -7.91 14.04
C ASP C 46 -3.01 -6.78 13.06
N LEU C 47 -4.04 -7.04 12.26
CA LEU C 47 -4.57 -6.11 11.27
C LEU C 47 -5.05 -4.82 11.94
N ALA C 48 -5.91 -4.98 12.95
CA ALA C 48 -6.48 -3.87 13.69
C ALA C 48 -5.43 -2.97 14.32
N LEU C 49 -4.44 -3.58 14.98
CA LEU C 49 -3.39 -2.82 15.67
C LEU C 49 -2.51 -2.04 14.66
N ALA C 50 -2.28 -2.66 13.50
CA ALA C 50 -1.49 -2.03 12.46
C ALA C 50 -2.25 -0.85 11.86
N ASN C 51 -3.56 -1.02 11.66
CA ASN C 51 -4.45 0.06 11.22
C ASN C 51 -4.42 1.26 12.17
N ILE C 52 -4.54 0.99 13.46
CA ILE C 52 -4.51 2.05 14.45
C ILE C 52 -3.13 2.70 14.45
N GLY C 53 -2.09 1.87 14.42
CA GLY C 53 -0.73 2.38 14.32
C GLY C 53 -0.57 3.34 13.13
N LEU C 54 -1.10 2.94 11.98
CA LEU C 54 -1.05 3.72 10.77
C LEU C 54 -1.82 5.06 10.90
N ASP C 55 -3.04 5.01 11.42
CA ASP C 55 -3.81 6.23 11.65
C ASP C 55 -3.01 7.22 12.51
N LEU C 56 -2.54 6.74 13.65
CA LEU C 56 -1.80 7.58 14.58
C LEU C 56 -0.55 8.15 13.97
N LEU C 57 0.19 7.36 13.19
CA LEU C 57 1.36 7.88 12.48
C LEU C 57 0.99 8.99 11.48
N GLY C 58 -0.12 8.79 10.75
CA GLY C 58 -0.71 9.83 9.88
C GLY C 58 -0.97 11.14 10.63
N GLN C 59 -1.51 11.03 11.83
CA GLN C 59 -1.77 12.19 12.68
C GLN C 59 -0.47 12.84 13.13
N ALA C 60 0.52 12.01 13.46
CA ALA C 60 1.84 12.53 13.86
C ALA C 60 2.45 13.36 12.73
N ARG C 61 2.49 12.79 11.52
CA ARG C 61 2.98 13.49 10.34
C ARG C 61 2.27 14.83 10.13
N ASN C 62 0.94 14.82 10.27
CA ASN C 62 0.15 16.05 10.14
C ASN C 62 0.56 17.11 11.16
N PHE C 63 0.53 16.74 12.44
CA PHE C 63 0.90 17.66 13.53
C PHE C 63 2.34 18.14 13.43
N LEU C 64 3.28 17.21 13.23
CA LEU C 64 4.70 17.53 13.13
C LEU C 64 4.95 18.38 11.89
N SER C 65 4.32 18.07 10.77
CA SER C 65 4.52 18.89 9.57
C SER C 65 4.12 20.35 9.83
N TYR C 66 3.05 20.52 10.59
CA TYR C 66 2.55 21.84 10.88
C TYR C 66 3.45 22.58 11.89
N ALA C 67 3.93 21.86 12.89
CA ALA C 67 4.93 22.36 13.82
C ALA C 67 6.21 22.82 13.11
N ALA C 68 6.68 22.04 12.14
CA ALA C 68 7.85 22.43 11.35
C ALA C 68 7.57 23.68 10.51
N GLU C 69 6.39 23.74 9.90
CA GLU C 69 5.98 24.92 9.18
C GLU C 69 5.86 26.14 10.13
N LEU C 70 5.37 25.91 11.35
CA LEU C 70 5.26 26.98 12.35
C LEU C 70 6.63 27.51 12.81
N ALA C 71 7.60 26.62 12.95
CA ALA C 71 8.93 27.03 13.41
C ALA C 71 9.77 27.66 12.29
N GLY C 72 9.34 27.46 11.04
CA GLY C 72 10.02 28.01 9.87
C GLY C 72 11.23 27.20 9.38
N GLU C 73 11.41 26.00 9.93
CA GLU C 73 12.54 25.17 9.53
C GLU C 73 12.27 23.71 9.85
N GLY C 74 13.03 22.83 9.20
CA GLY C 74 12.85 21.38 9.38
C GLY C 74 11.55 20.81 8.82
N ASP C 75 11.22 19.59 9.23
CA ASP C 75 10.04 18.85 8.73
C ASP C 75 9.76 17.69 9.69
N GLU C 76 8.78 16.84 9.36
CA GLU C 76 8.37 15.76 10.29
C GLU C 76 9.55 14.84 10.65
N ASP C 77 10.51 14.71 9.75
CA ASP C 77 11.64 13.82 9.91
C ASP C 77 12.73 14.46 10.76
N THR C 78 13.06 15.73 10.55
CA THR C 78 13.99 16.40 11.47
C THR C 78 13.39 16.32 12.90
N LEU C 79 12.08 16.52 13.01
CA LEU C 79 11.46 16.51 14.33
C LEU C 79 11.45 15.13 14.96
N ALA C 80 11.13 14.08 14.19
CA ALA C 80 11.03 12.73 14.76
C ALA C 80 12.40 12.13 15.04
N PHE C 81 13.37 12.42 14.18
CA PHE C 81 14.63 11.71 14.25
C PHE C 81 15.81 12.48 14.84
N THR C 82 15.70 13.79 15.00
CA THR C 82 16.87 14.55 15.47
C THR C 82 16.74 15.24 16.84
N ARG C 83 15.58 15.07 17.47
CA ARG C 83 15.37 15.48 18.86
C ARG C 83 15.70 14.30 19.84
N ASP C 84 16.18 14.63 21.04
CA ASP C 84 16.42 13.59 22.03
C ASP C 84 15.26 13.55 23.00
N GLU C 85 15.38 12.71 24.02
CA GLU C 85 14.27 12.47 24.93
C GLU C 85 13.91 13.67 25.81
N ARG C 86 14.86 14.58 26.03
CA ARG C 86 14.55 15.80 26.80
C ARG C 86 13.76 16.84 26.00
N GLN C 87 13.68 16.65 24.69
CA GLN C 87 12.96 17.55 23.79
C GLN C 87 11.60 16.98 23.39
N PHE C 88 11.49 15.65 23.37
CA PHE C 88 10.20 14.98 23.09
C PHE C 88 9.16 15.38 24.12
N SER C 89 7.91 15.53 23.68
CA SER C 89 6.91 16.14 24.55
C SER C 89 5.62 15.35 24.65
N ASN C 90 5.71 14.07 24.30
CA ASN C 90 4.58 13.13 24.38
C ASN C 90 4.19 12.90 25.83
N LEU C 91 2.91 12.58 26.02
CA LEU C 91 2.41 12.07 27.28
C LEU C 91 3.17 10.83 27.73
N LEU C 92 3.32 10.69 29.05
CA LEU C 92 4.02 9.53 29.61
C LEU C 92 3.27 8.22 29.31
N LEU C 93 1.98 8.36 29.15
CA LEU C 93 1.13 7.23 28.91
C LEU C 93 1.47 6.44 27.63
N VAL C 94 1.71 7.15 26.52
CA VAL C 94 1.93 6.52 25.21
C VAL C 94 3.29 5.85 25.11
N GLU C 95 4.19 6.18 26.05
CA GLU C 95 5.54 5.58 26.05
C GLU C 95 5.65 4.32 26.92
N GLN C 96 4.56 3.97 27.59
CA GLN C 96 4.55 2.76 28.40
C GLN C 96 4.77 1.53 27.54
N PRO C 97 5.46 0.49 28.08
CA PRO C 97 5.68 -0.70 27.23
C PRO C 97 4.37 -1.40 26.87
N ASN C 98 4.39 -2.22 25.81
CA ASN C 98 3.18 -2.94 25.34
C ASN C 98 2.69 -3.95 26.38
N GLY C 99 3.63 -4.54 27.13
CA GLY C 99 3.31 -5.58 28.11
C GLY C 99 2.43 -6.61 27.41
N ASN C 100 1.43 -7.10 28.13
CA ASN C 100 0.54 -8.12 27.61
C ASN C 100 -0.61 -7.42 26.88
N PHE C 101 -1.48 -8.19 26.25
CA PHE C 101 -2.55 -7.57 25.44
C PHE C 101 -3.45 -6.67 26.27
N ALA C 102 -3.70 -7.02 27.53
CA ALA C 102 -4.50 -6.13 28.39
C ALA C 102 -3.80 -4.79 28.57
N ASP C 103 -2.50 -4.80 28.82
CA ASP C 103 -1.74 -3.54 28.99
C ASP C 103 -1.83 -2.64 27.76
N THR C 104 -1.79 -3.25 26.59
CA THR C 104 -1.88 -2.52 25.33
C THR C 104 -3.30 -1.93 25.18
N ILE C 105 -4.30 -2.71 25.56
CA ILE C 105 -5.70 -2.31 25.46
C ILE C 105 -6.01 -1.18 26.46
N ALA C 106 -5.53 -1.30 27.70
CA ALA C 106 -5.73 -0.23 28.68
C ALA C 106 -5.13 1.09 28.17
N ARG C 107 -3.88 1.04 27.70
CA ARG C 107 -3.18 2.24 27.24
C ARG C 107 -3.99 2.83 26.08
N GLN C 108 -4.41 1.99 25.14
CA GLN C 108 -5.18 2.43 23.97
C GLN C 108 -6.54 3.05 24.32
N TYR C 109 -7.28 2.40 25.23
CA TYR C 109 -8.58 2.90 25.64
C TYR C 109 -8.51 4.27 26.31
N PHE C 110 -7.51 4.46 27.19
CA PHE C 110 -7.32 5.74 27.88
C PHE C 110 -6.98 6.85 26.92
N ILE C 111 -6.12 6.54 25.95
CA ILE C 111 -5.70 7.51 24.96
C ILE C 111 -6.84 7.81 23.97
N ASP C 112 -7.51 6.78 23.46
CA ASP C 112 -8.62 6.97 22.52
C ASP C 112 -9.77 7.79 23.09
N ALA C 113 -10.15 7.47 24.32
CA ALA C 113 -11.20 8.24 25.00
C ALA C 113 -10.78 9.72 25.07
N TRP C 114 -9.48 9.93 25.25
CA TRP C 114 -8.93 11.28 25.40
C TRP C 114 -8.88 11.95 24.04
N HIS C 115 -8.42 11.20 23.03
CA HIS C 115 -8.39 11.72 21.67
C HIS C 115 -9.78 12.13 21.22
N VAL C 116 -10.78 11.29 21.49
CA VAL C 116 -12.16 11.62 21.12
C VAL C 116 -12.62 12.93 21.76
N ALA C 117 -12.48 13.03 23.08
CA ALA C 117 -12.82 14.27 23.78
C ALA C 117 -12.02 15.47 23.24
N LEU C 118 -10.73 15.27 22.95
CA LEU C 118 -9.89 16.38 22.51
C LEU C 118 -10.20 16.84 21.09
N PHE C 119 -10.18 15.91 20.15
CA PHE C 119 -10.35 16.28 18.75
C PHE C 119 -11.74 16.84 18.45
N THR C 120 -12.73 16.37 19.22
CA THR C 120 -14.07 16.93 19.12
C THR C 120 -14.04 18.44 19.38
N ARG C 121 -13.27 18.86 20.37
CA ARG C 121 -13.24 20.26 20.73
C ARG C 121 -12.23 21.06 19.91
N LEU C 122 -11.11 20.43 19.60
CA LEU C 122 -10.05 21.08 18.83
C LEU C 122 -10.44 21.30 17.36
N MET C 123 -11.49 20.62 16.90
CA MET C 123 -11.99 20.89 15.55
C MET C 123 -12.76 22.21 15.47
N GLU C 124 -13.00 22.83 16.62
CA GLU C 124 -13.54 24.20 16.68
C GLU C 124 -12.45 25.27 17.01
N SER C 125 -11.18 24.84 16.95
CA SER C 125 -10.03 25.74 17.15
C SER C 125 -10.06 26.95 16.19
N ARG C 126 -9.75 28.12 16.73
CA ARG C 126 -9.58 29.32 15.90
C ARG C 126 -8.34 29.24 15.01
N ASP C 127 -7.48 28.24 15.22
CA ASP C 127 -6.38 27.97 14.29
C ASP C 127 -6.88 27.03 13.19
N PRO C 128 -6.95 27.52 11.93
CA PRO C 128 -7.56 26.71 10.86
C PRO C 128 -6.85 25.38 10.57
N GLN C 129 -5.53 25.33 10.66
CA GLN C 129 -4.80 24.10 10.38
C GLN C 129 -5.01 23.10 11.50
N LEU C 130 -5.05 23.58 12.73
CA LEU C 130 -5.33 22.71 13.88
C LEU C 130 -6.73 22.13 13.78
N ALA C 131 -7.66 22.95 13.30
CA ALA C 131 -9.05 22.56 13.18
C ALA C 131 -9.18 21.45 12.15
N ALA C 132 -8.53 21.63 11.01
CA ALA C 132 -8.59 20.68 9.91
C ALA C 132 -7.94 19.34 10.30
N ILE C 133 -6.77 19.41 10.91
CA ILE C 133 -6.05 18.22 11.35
C ILE C 133 -6.90 17.39 12.32
N SER C 134 -7.63 18.09 13.18
CA SER C 134 -8.45 17.48 14.21
C SER C 134 -9.71 16.90 13.63
N ALA C 135 -10.24 17.53 12.58
CA ALA C 135 -11.40 17.04 11.85
C ALA C 135 -11.09 15.70 11.20
N LYS C 136 -9.89 15.54 10.65
CA LYS C 136 -9.48 14.26 10.12
C LYS C 136 -9.30 13.26 11.29
N ALA C 137 -8.49 13.62 12.28
CA ALA C 137 -8.15 12.73 13.39
C ALA C 137 -9.36 12.20 14.17
N ILE C 138 -10.36 13.05 14.42
CA ILE C 138 -11.54 12.64 15.19
C ILE C 138 -12.25 11.41 14.60
N LYS C 139 -12.36 11.36 13.27
CA LYS C 139 -13.04 10.26 12.60
C LYS C 139 -12.31 8.97 12.88
N GLU C 140 -10.98 9.04 12.91
CA GLU C 140 -10.16 7.89 13.19
C GLU C 140 -10.21 7.48 14.66
N ALA C 141 -10.08 8.45 15.58
CA ALA C 141 -10.14 8.19 17.02
C ALA C 141 -11.44 7.47 17.41
N ARG C 142 -12.55 7.83 16.77
CA ARG C 142 -13.81 7.14 16.99
C ARG C 142 -13.73 5.64 16.66
N TYR C 143 -13.11 5.28 15.53
CA TYR C 143 -12.82 3.88 15.22
C TYR C 143 -11.92 3.24 16.28
N HIS C 144 -10.88 3.96 16.69
CA HIS C 144 -9.96 3.45 17.68
C HIS C 144 -10.68 3.15 18.99
N LEU C 145 -11.56 4.06 19.41
CA LEU C 145 -12.28 3.93 20.68
C LEU C 145 -13.24 2.76 20.67
N ARG C 146 -13.95 2.52 19.57
CA ARG C 146 -14.84 1.35 19.43
C ARG C 146 -14.05 0.04 19.63
N PHE C 147 -12.89 -0.05 19.00
CA PHE C 147 -12.05 -1.22 19.12
C PHE C 147 -11.48 -1.39 20.53
N SER C 148 -10.96 -0.31 21.11
CA SER C 148 -10.33 -0.41 22.43
C SER C 148 -11.38 -0.67 23.52
N ARG C 149 -12.48 0.08 23.48
CA ARG C 149 -13.57 -0.18 24.42
C ARG C 149 -14.12 -1.60 24.22
N GLY C 150 -14.24 -2.02 22.97
CA GLY C 150 -14.70 -3.39 22.65
C GLY C 150 -13.87 -4.44 23.36
N TRP C 151 -12.55 -4.32 23.30
CA TRP C 151 -11.65 -5.28 23.92
C TRP C 151 -11.60 -5.17 25.44
N LEU C 152 -11.76 -3.96 25.95
CA LEU C 152 -11.86 -3.77 27.40
C LEU C 152 -13.01 -4.61 27.95
N GLU C 153 -14.15 -4.54 27.26
CA GLU C 153 -15.35 -5.28 27.64
C GLU C 153 -15.22 -6.80 27.46
N ARG C 154 -14.59 -7.22 26.35
CA ARG C 154 -14.39 -8.63 26.08
C ARG C 154 -13.43 -9.29 27.08
N LEU C 155 -12.41 -8.56 27.49
CA LEU C 155 -11.44 -9.12 28.41
C LEU C 155 -11.88 -9.06 29.87
N GLY C 156 -12.41 -7.91 30.30
CA GLY C 156 -12.85 -7.74 31.69
C GLY C 156 -14.07 -8.60 32.02
N ASN C 157 -14.92 -8.77 31.03
CA ASN C 157 -16.09 -9.59 31.17
C ASN C 157 -15.95 -10.84 30.30
N GLY C 158 -14.74 -11.42 30.31
CA GLY C 158 -14.42 -12.62 29.53
C GLY C 158 -14.34 -13.81 30.44
N THR C 159 -13.11 -14.25 30.75
CA THR C 159 -12.90 -15.29 31.76
C THR C 159 -12.46 -14.65 33.07
N ASP C 160 -12.34 -15.47 34.11
CA ASP C 160 -11.78 -15.04 35.39
C ASP C 160 -10.39 -14.47 35.16
N VAL C 161 -9.61 -15.21 34.38
CA VAL C 161 -8.21 -14.88 34.06
C VAL C 161 -8.05 -13.60 33.25
N SER C 162 -8.91 -13.40 32.25
CA SER C 162 -8.81 -12.19 31.44
C SER C 162 -9.31 -10.98 32.22
N GLY C 163 -10.34 -11.19 33.05
CA GLY C 163 -10.83 -10.19 33.98
C GLY C 163 -9.76 -9.65 34.92
N GLN C 164 -8.93 -10.54 35.48
CA GLN C 164 -7.81 -10.14 36.34
C GLN C 164 -6.71 -9.40 35.56
N LYS C 165 -6.35 -9.91 34.40
CA LYS C 165 -5.31 -9.25 33.62
C LYS C 165 -5.75 -7.83 33.21
N MET C 166 -7.03 -7.67 32.89
CA MET C 166 -7.58 -6.37 32.51
C MET C 166 -7.64 -5.38 33.69
N GLN C 167 -8.02 -5.88 34.86
CA GLN C 167 -7.97 -5.08 36.07
C GLN C 167 -6.53 -4.65 36.38
N GLN C 168 -5.60 -5.60 36.31
CA GLN C 168 -4.17 -5.28 36.53
C GLN C 168 -3.63 -4.27 35.55
N ALA C 169 -4.04 -4.39 34.29
CA ALA C 169 -3.60 -3.47 33.25
C ALA C 169 -4.09 -2.05 33.57
N ILE C 170 -5.33 -1.91 33.98
CA ILE C 170 -5.91 -0.62 34.32
C ILE C 170 -5.16 0.01 35.51
N ASN C 171 -4.97 -0.79 36.55
CA ASN C 171 -4.28 -0.37 37.78
C ASN C 171 -2.89 0.13 37.51
N LYS C 172 -2.20 -0.54 36.60
CA LYS C 172 -0.79 -0.31 36.35
C LYS C 172 -0.55 0.97 35.55
N LEU C 173 -1.57 1.43 34.81
CA LEU C 173 -1.42 2.64 33.98
C LEU C 173 -2.05 3.87 34.59
N TRP C 174 -2.88 3.67 35.61
CA TRP C 174 -3.72 4.72 36.15
C TRP C 174 -2.97 6.01 36.52
N ARG C 175 -1.82 5.87 37.17
CA ARG C 175 -1.11 7.03 37.70
C ARG C 175 -0.72 8.05 36.61
N PHE C 176 -0.62 7.57 35.37
CA PHE C 176 -0.25 8.39 34.22
C PHE C 176 -1.41 9.15 33.63
N THR C 177 -2.63 8.87 34.10
CA THR C 177 -3.81 9.55 33.57
C THR C 177 -3.88 11.02 34.01
N ALA C 178 -3.19 11.37 35.09
CA ALA C 178 -3.17 12.76 35.59
C ALA C 178 -2.70 13.74 34.52
N GLU C 179 -1.69 13.33 33.75
CA GLU C 179 -1.16 14.17 32.66
C GLU C 179 -2.21 14.53 31.60
N LEU C 180 -3.25 13.71 31.46
CA LEU C 180 -4.30 13.96 30.47
C LEU C 180 -5.04 15.25 30.73
N PHE C 181 -5.05 15.68 32.00
CA PHE C 181 -5.81 16.87 32.41
C PHE C 181 -4.93 17.95 33.05
N ASP C 182 -3.63 17.77 32.88
CA ASP C 182 -2.63 18.72 33.33
C ASP C 182 -2.58 19.89 32.37
N ALA C 183 -2.71 21.11 32.89
CA ALA C 183 -2.60 22.30 32.05
C ALA C 183 -1.38 23.12 32.47
N ASP C 184 -0.55 23.49 31.50
CA ASP C 184 0.49 24.49 31.75
C ASP C 184 0.14 25.80 31.06
N GLU C 185 1.06 26.76 31.07
CA GLU C 185 0.77 28.09 30.56
C GLU C 185 0.68 28.14 29.03
N ILE C 186 1.23 27.13 28.37
CA ILE C 186 1.02 27.01 26.92
C ILE C 186 -0.44 26.67 26.65
N ASP C 187 -0.93 25.60 27.30
CA ASP C 187 -2.33 25.22 27.19
C ASP C 187 -3.25 26.39 27.48
N ILE C 188 -3.05 27.02 28.64
CA ILE C 188 -3.94 28.04 29.14
C ILE C 188 -3.93 29.26 28.24
N ALA C 189 -2.74 29.74 27.89
CA ALA C 189 -2.63 30.93 27.02
C ALA C 189 -3.29 30.69 25.65
N LEU C 190 -3.05 29.51 25.06
CA LEU C 190 -3.64 29.22 23.76
C LEU C 190 -5.15 29.00 23.82
N SER C 191 -5.61 28.48 24.96
CA SER C 191 -7.03 28.29 25.24
C SER C 191 -7.79 29.60 25.42
N GLU C 192 -7.11 30.63 25.93
CA GLU C 192 -7.77 31.93 26.11
C GLU C 192 -7.89 32.68 24.78
N GLU C 193 -7.00 32.36 23.84
CA GLU C 193 -7.07 32.87 22.48
C GLU C 193 -8.03 32.02 21.61
N GLY C 194 -8.63 31.00 22.22
CA GLY C 194 -9.56 30.09 21.54
C GLY C 194 -8.90 29.14 20.55
N ILE C 195 -7.63 28.80 20.81
CA ILE C 195 -6.79 28.04 19.89
C ILE C 195 -6.59 26.59 20.38
N ALA C 196 -6.16 26.45 21.64
CA ALA C 196 -5.98 25.14 22.25
C ALA C 196 -7.19 24.79 23.09
N VAL C 197 -7.26 23.51 23.46
CA VAL C 197 -8.22 23.04 24.44
C VAL C 197 -7.51 22.99 25.80
N ASP C 198 -8.12 23.61 26.81
CA ASP C 198 -7.62 23.54 28.19
C ASP C 198 -7.83 22.10 28.68
N PRO C 199 -6.74 21.34 28.88
CA PRO C 199 -6.87 19.91 29.21
C PRO C 199 -7.68 19.59 30.48
N ARG C 200 -7.77 20.54 31.41
CA ARG C 200 -8.52 20.32 32.66
C ARG C 200 -10.01 20.14 32.39
N THR C 201 -10.51 20.82 31.37
CA THR C 201 -11.92 20.80 31.00
C THR C 201 -12.26 19.55 30.18
N LEU C 202 -11.28 18.66 29.98
CA LEU C 202 -11.50 17.38 29.30
C LEU C 202 -11.87 16.27 30.29
N ARG C 203 -11.78 16.56 31.58
CA ARG C 203 -11.88 15.52 32.60
C ARG C 203 -13.26 14.87 32.63
N ALA C 204 -14.29 15.73 32.62
CA ALA C 204 -15.67 15.29 32.70
C ALA C 204 -16.02 14.34 31.55
N ALA C 205 -15.61 14.65 30.32
CA ALA C 205 -15.94 13.77 29.19
C ALA C 205 -15.13 12.48 29.22
N TRP C 206 -13.84 12.59 29.55
CA TRP C 206 -13.00 11.42 29.62
C TRP C 206 -13.49 10.48 30.73
N GLU C 207 -13.76 11.02 31.91
CA GLU C 207 -14.25 10.23 33.06
C GLU C 207 -15.62 9.58 32.79
N ALA C 208 -16.53 10.33 32.16
CA ALA C 208 -17.86 9.78 31.85
C ALA C 208 -17.77 8.58 30.89
N GLU C 209 -16.82 8.65 29.94
CA GLU C 209 -16.58 7.57 29.03
C GLU C 209 -15.86 6.43 29.78
N VAL C 210 -14.68 6.72 30.30
CA VAL C 210 -13.84 5.69 30.91
C VAL C 210 -14.47 4.99 32.13
N PHE C 211 -15.12 5.75 33.01
CA PHE C 211 -15.77 5.14 34.17
C PHE C 211 -16.90 4.18 33.74
N ALA C 212 -17.65 4.57 32.71
CA ALA C 212 -18.74 3.72 32.21
C ALA C 212 -18.18 2.45 31.57
N GLY C 213 -17.15 2.59 30.74
CA GLY C 213 -16.48 1.44 30.09
C GLY C 213 -15.89 0.44 31.07
N ILE C 214 -15.23 0.94 32.10
CA ILE C 214 -14.69 0.08 33.15
C ILE C 214 -15.82 -0.61 33.91
N ASN C 215 -16.87 0.13 34.27
CA ASN C 215 -18.06 -0.46 34.94
C ASN C 215 -18.69 -1.57 34.12
N GLU C 216 -18.95 -1.28 32.85
CA GLU C 216 -19.59 -2.23 31.92
C GLU C 216 -18.75 -3.47 31.72
N ALA C 217 -17.44 -3.31 31.74
CA ALA C 217 -16.53 -4.43 31.67
C ALA C 217 -16.49 -5.23 32.98
N THR C 218 -17.29 -4.81 33.96
CA THR C 218 -17.33 -5.41 35.30
C THR C 218 -16.04 -5.22 36.07
N LEU C 219 -15.39 -4.08 35.86
CA LEU C 219 -14.11 -3.81 36.49
C LEU C 219 -14.24 -2.61 37.43
N ASN C 220 -13.14 -2.29 38.11
CA ASN C 220 -13.09 -1.21 39.08
C ASN C 220 -12.19 -0.06 38.65
N VAL C 221 -12.68 1.16 38.86
CA VAL C 221 -11.87 2.35 38.71
C VAL C 221 -10.91 2.35 39.89
N PRO C 222 -9.60 2.48 39.62
CA PRO C 222 -8.59 2.51 40.67
C PRO C 222 -8.86 3.62 41.65
N GLN C 223 -8.54 3.38 42.92
CA GLN C 223 -8.73 4.40 43.94
C GLN C 223 -7.48 5.25 44.14
N GLU C 224 -6.32 4.79 43.65
CA GLU C 224 -5.12 5.61 43.62
C GLU C 224 -5.39 6.95 42.92
N GLN C 225 -5.08 8.06 43.58
CA GLN C 225 -5.06 9.34 42.89
C GLN C 225 -3.90 9.40 41.92
N ALA C 226 -4.19 9.55 40.62
CA ALA C 226 -3.12 9.63 39.61
C ALA C 226 -2.21 10.85 39.87
N TYR C 227 -0.90 10.68 39.69
CA TYR C 227 0.06 11.68 40.15
C TYR C 227 1.25 11.89 39.21
N ARG C 228 1.31 11.16 38.10
CA ARG C 228 2.49 11.25 37.24
C ARG C 228 2.31 12.17 36.03
N THR C 229 3.20 13.16 35.94
CA THR C 229 3.27 14.08 34.80
C THR C 229 4.75 14.33 34.49
N GLY C 230 5.02 14.96 33.35
CA GLY C 230 6.36 15.45 33.03
C GLY C 230 6.71 15.29 31.57
N GLY C 231 5.99 14.40 30.90
CA GLY C 231 6.22 14.12 29.48
C GLY C 231 6.19 15.34 28.59
N LYS C 232 5.20 16.21 28.80
CA LYS C 232 5.04 17.45 28.02
C LYS C 232 6.24 18.38 28.19
N LYS C 233 6.95 18.25 29.32
CA LYS C 233 8.09 19.10 29.62
C LYS C 233 9.42 18.43 29.26
N GLY C 234 9.36 17.30 28.56
CA GLY C 234 10.58 16.51 28.28
C GLY C 234 11.15 15.73 29.47
N LEU C 235 10.35 15.53 30.51
CA LEU C 235 10.74 14.74 31.68
C LEU C 235 10.03 13.38 31.63
N HIS C 236 10.73 12.41 31.08
CA HIS C 236 10.11 11.14 30.69
C HIS C 236 10.40 10.00 31.66
N THR C 237 9.65 8.90 31.56
CA THR C 237 10.04 7.65 32.21
C THR C 237 11.33 7.16 31.51
N GLU C 238 11.98 6.19 32.11
CA GLU C 238 13.13 5.52 31.50
C GLU C 238 12.81 4.68 30.24
N HIS C 239 11.54 4.61 29.87
CA HIS C 239 11.17 3.92 28.65
C HIS C 239 11.50 4.69 27.37
N LEU C 240 11.42 6.02 27.38
CA LEU C 240 11.53 6.74 26.13
C LEU C 240 12.92 6.62 25.47
N GLY C 241 13.99 6.80 26.24
CA GLY C 241 15.35 6.72 25.70
C GLY C 241 15.62 5.54 24.77
N PRO C 242 15.39 4.29 25.26
CA PRO C 242 15.62 3.12 24.38
C PRO C 242 14.68 3.07 23.16
N MET C 243 13.44 3.56 23.30
CA MET C 243 12.53 3.72 22.15
C MET C 243 13.18 4.59 21.06
N LEU C 244 13.75 5.72 21.48
CA LEU C 244 14.32 6.66 20.53
C LEU C 244 15.61 6.12 19.95
N ALA C 245 16.39 5.39 20.75
CA ALA C 245 17.64 4.79 20.26
C ALA C 245 17.32 3.88 19.07
N GLU C 246 16.22 3.15 19.18
CA GLU C 246 15.77 2.24 18.13
C GLU C 246 15.14 3.00 16.95
N MET C 247 14.22 3.92 17.25
CA MET C 247 13.56 4.71 16.23
C MET C 247 14.52 5.54 15.38
N GLN C 248 15.56 6.10 16.00
CA GLN C 248 16.39 7.10 15.30
C GLN C 248 17.69 6.57 14.72
N TYR C 249 18.04 5.33 15.03
CA TYR C 249 19.35 4.77 14.69
C TYR C 249 19.85 5.12 13.29
N LEU C 250 19.09 4.71 12.27
CA LEU C 250 19.56 4.87 10.90
C LEU C 250 19.76 6.33 10.52
N GLN C 251 18.87 7.19 10.98
CA GLN C 251 19.01 8.62 10.72
C GLN C 251 20.23 9.19 11.41
N ARG C 252 20.55 8.69 12.59
CA ARG C 252 21.72 9.17 13.34
C ARG C 252 22.98 8.72 12.64
N VAL C 253 22.99 7.47 12.16
CA VAL C 253 24.12 6.93 11.41
C VAL C 253 24.32 7.64 10.07
N LEU C 254 23.22 7.90 9.36
CA LEU C 254 23.28 8.46 8.02
C LEU C 254 22.44 9.74 7.92
N PRO C 255 22.85 10.80 8.64
CA PRO C 255 22.01 12.00 8.71
C PRO C 255 21.91 12.76 7.39
N GLY C 256 20.82 13.51 7.23
CA GLY C 256 20.66 14.47 6.12
C GLY C 256 20.48 13.84 4.74
N GLN C 257 19.83 12.69 4.69
CA GLN C 257 19.66 12.00 3.42
C GLN C 257 18.20 11.92 3.03
N GLN C 258 17.93 11.47 1.82
CA GLN C 258 16.57 11.22 1.31
C GLN C 258 16.38 9.72 1.22
N TRP C 259 15.18 9.26 1.56
CA TRP C 259 14.89 7.85 1.71
C TRP C 259 13.65 7.40 0.95
N1A FAQ D . 8.96 -22.26 -0.59
O1A FAQ D . 6.20 -29.77 -6.77
P1A FAQ D . 6.51 -28.34 -6.54
C1B FAQ D . 3.69 -13.90 -0.59
C1D FAQ D . 7.44 -26.72 -2.50
S1P FAQ D . 4.38 -14.79 -1.93
C2A FAQ D . 8.44 -23.28 0.10
O2A FAQ D . 6.90 -27.47 -7.67
P2A FAQ D . 4.17 -26.77 -6.54
C2B FAQ D . 3.39 -12.41 -0.78
C2D FAQ D . 6.02 -27.20 -2.82
O2D FAQ D . 5.03 -26.65 -1.96
C2P FAQ D . 4.82 -16.41 -1.24
N3A FAQ D . 8.06 -24.39 -0.50
O3A FAQ D . 5.27 -27.66 -5.82
C3B FAQ D . 4.27 -11.58 0.16
C3D FAQ D . 6.20 -28.73 -2.69
O3D FAQ D . 5.99 -29.18 -1.34
P3D FAQ D . 4.56 -29.68 -0.88
C3P FAQ D . 3.59 -17.31 -1.20
C4A FAQ D . 8.21 -24.55 -1.84
O4A FAQ D . 3.09 -26.58 -5.54
C4B FAQ D . 5.40 -10.94 -0.35
C4D FAQ D . 7.69 -28.95 -2.97
O4D FAQ D . 8.32 -27.78 -2.34
N4P FAQ D . 3.14 -17.64 -2.56
O57 FAQ D . 3.49 -14.44 0.48
C5A FAQ D . 8.75 -23.51 -2.59
O5A FAQ D . 3.80 -27.31 -7.86
C5B FAQ D . 6.20 -10.18 0.48
C5D FAQ D . 8.06 -29.24 -4.47
O5D FAQ D . 7.64 -28.18 -5.39
C5P FAQ D . 2.72 -18.85 -2.87
O5P FAQ D . 2.64 -19.79 -2.06
C6A FAQ D . 9.13 -22.35 -1.93
N6A FAQ D . 9.67 -21.35 -2.65
O6A FAQ D . 4.93 -25.40 -6.84
C6B FAQ D . 3.91 -11.43 1.50
C6P FAQ D . 2.32 -19.02 -4.33
N7A FAQ D . 8.80 -23.87 -3.86
O7A FAQ D . 4.83 -30.33 0.57
C7B FAQ D . 4.72 -10.66 2.31
C7P FAQ D . 1.31 -20.19 -4.52
C8A FAQ D . 8.30 -25.09 -3.94
O8A FAQ D . 4.13 -30.92 -1.86
C8B FAQ D . 5.86 -10.05 1.82
N8P FAQ D . 2.02 -21.47 -4.65
N9A FAQ D . 7.93 -25.50 -2.73
O9A FAQ D . 3.62 -28.55 -0.83
C9P FAQ D . 2.55 -21.86 -5.80
O9P FAQ D . 2.53 -21.18 -6.83
CAP FAQ D . 3.22 -23.23 -5.79
OAP FAQ D . 2.82 -23.93 -4.60
CBP FAQ D . 4.75 -23.10 -5.86
CCP FAQ D . 5.40 -24.51 -5.81
CDP FAQ D . 5.30 -22.31 -4.67
CEP FAQ D . 5.19 -22.43 -7.18
C1 GOL E . 17.94 -22.54 -12.62
O1 GOL E . 18.37 -23.85 -12.27
C2 GOL E . 17.01 -22.53 -13.84
O2 GOL E . 17.34 -23.52 -14.79
C3 GOL E . 15.56 -22.69 -13.43
O3 GOL E . 14.74 -21.64 -13.93
C1 GOL F . -7.00 -22.00 20.98
O1 GOL F . -5.77 -21.78 21.63
C2 GOL F . -7.88 -20.79 21.23
O2 GOL F . -8.39 -20.31 20.01
C3 GOL F . -8.97 -21.17 22.23
O3 GOL F . -10.15 -20.43 22.00
C1 GOL G . -5.03 21.44 -20.67
O1 GOL G . -3.99 21.88 -21.50
C2 GOL G . -5.59 20.14 -21.23
O2 GOL G . -5.28 20.03 -22.60
C3 GOL G . -4.96 18.98 -20.47
O3 GOL G . -5.89 18.50 -19.53
C1 GOL H . 17.99 13.77 9.58
O1 GOL H . 19.34 14.16 9.61
C2 GOL H . 17.16 14.66 8.67
O2 GOL H . 17.72 14.79 7.39
C3 GOL H . 15.80 14.00 8.50
O3 GOL H . 15.20 14.49 7.32
C1 GOL I . -1.39 19.82 25.46
O1 GOL I . -0.28 20.34 26.15
C2 GOL I . -1.58 18.37 25.87
O2 GOL I . -2.97 18.15 26.00
C3 GOL I . -1.01 17.53 24.74
O3 GOL I . -0.75 16.25 25.23
C1 GOL J . 5.40 -6.50 22.29
O1 GOL J . 5.01 -5.37 21.56
C2 GOL J . 4.58 -7.66 21.78
O2 GOL J . 5.46 -8.64 21.31
C3 GOL J . 3.74 -8.25 22.92
O3 GOL J . 4.16 -7.82 24.20
#